data_1F3D
#
_entry.id   1F3D
#
_cell.length_a   45.000
_cell.length_b   87.200
_cell.length_c   128.800
_cell.angle_alpha   90.00
_cell.angle_beta   97.60
_cell.angle_gamma   90.00
#
_symmetry.space_group_name_H-M   'P 1 21 1'
#
loop_
_entity.id
_entity.type
_entity.pdbx_description
1 polymer 'CATALYTIC ANTIBODY 4B2'
2 polymer 'CATALYTIC ANTIBODY 4B2'
3 non-polymer 2-(4-AMINOBENZYLAMINO)-3,4,5,6-TETRAHYDROPYRIDINIUM
4 non-polymer 'SULFATE ION'
5 water water
#
loop_
_entity_poly.entity_id
_entity_poly.type
_entity_poly.pdbx_seq_one_letter_code
_entity_poly.pdbx_strand_id
1 'polypeptide(L)'
;DVLMTQTPLSLPVSLGDQVSISCRSSQSIFHSDGKTYLEWHLQKPGQSPKLLIYKVSKRFSGVPDRFSGSGSGTDFTLKI
SRVEAEDLGVYYCFQGSHVPYTFGGGTKLEIKRADAAPTVSIFPPSSEQLTSGGASVVCFLNNFYPKDINVKWKIDGSER
QNGVLNSWTDQDSKDSTYSMSSTLTLTKDEYERHNSYTCEATHKTSTSPIVKSFNRNAC
;
L,J
2 'polypeptide(L)'
;EIQLQQSGPELVKPGASVKVSCKASGYSFIDYNIHWVKQSHGKSLEWIGYIVPYSGGTTFNQKFKGKATLTVDKSSSTAF
MHLNSLTFEDSAVYYCANDYDGVYWGQGTTLTVSSAKTTPPSVYPLAPGSAAQTNSMVTLGCLVKGYFPEPVTVTWNSGS
LSSGVHTFPAVLQSDLYTLSSSVTVPSSTWPSETVTCNVAHPASSTKVDKKIVPRDC
;
H,K
#
loop_
_chem_comp.id
_chem_comp.type
_chem_comp.name
_chem_comp.formula
SO4 non-polymer 'SULFATE ION' 'O4 S -2'
TPM non-polymer 2-(4-AMINOBENZYLAMINO)-3,4,5,6-TETRAHYDROPYRIDINIUM 'C12 H18 N3 1'
#
# COMPACT_ATOMS: atom_id res chain seq x y z
N ASP A 1 3.69 10.74 -25.07
CA ASP A 1 2.49 10.24 -24.33
C ASP A 1 2.04 8.87 -24.81
N VAL A 2 1.98 7.92 -23.88
CA VAL A 2 1.54 6.57 -24.18
C VAL A 2 0.03 6.57 -24.39
N LEU A 3 -0.41 6.30 -25.61
CA LEU A 3 -1.84 6.26 -25.93
C LEU A 3 -2.44 4.89 -25.61
N MET A 4 -3.59 4.90 -24.96
CA MET A 4 -4.28 3.67 -24.59
C MET A 4 -5.52 3.53 -25.48
N THR A 5 -5.61 2.40 -26.16
CA THR A 5 -6.71 2.12 -27.07
C THR A 5 -7.56 0.94 -26.60
N GLN A 6 -8.86 1.19 -26.45
CA GLN A 6 -9.79 0.15 -26.00
C GLN A 6 -10.75 -0.26 -27.11
N THR A 7 -10.95 -1.57 -27.23
CA THR A 7 -11.87 -2.13 -28.23
C THR A 7 -12.62 -3.31 -27.62
N PRO A 8 -13.93 -3.40 -27.89
CA PRO A 8 -14.70 -2.47 -28.72
C PRO A 8 -15.14 -1.22 -27.94
N LEU A 9 -15.81 -0.30 -28.62
CA LEU A 9 -16.29 0.91 -27.98
C LEU A 9 -17.54 0.61 -27.14
N SER A 10 -18.37 -0.30 -27.63
CA SER A 10 -19.60 -0.70 -26.92
C SER A 10 -19.82 -2.19 -27.14
N LEU A 11 -20.27 -2.86 -26.10
CA LEU A 11 -20.50 -4.29 -26.16
C LEU A 11 -21.83 -4.72 -25.57
N PRO A 12 -22.78 -5.11 -26.42
CA PRO A 12 -24.10 -5.56 -25.96
C PRO A 12 -23.93 -6.96 -25.38
N VAL A 13 -24.44 -7.18 -24.17
CA VAL A 13 -24.33 -8.48 -23.55
C VAL A 13 -25.66 -8.90 -22.94
N SER A 14 -25.77 -10.18 -22.66
CA SER A 14 -26.96 -10.73 -22.03
C SER A 14 -26.48 -11.17 -20.65
N LEU A 15 -27.32 -11.05 -19.63
CA LEU A 15 -26.93 -11.45 -18.29
C LEU A 15 -26.54 -12.92 -18.25
N GLY A 16 -25.32 -13.19 -17.80
CA GLY A 16 -24.82 -14.55 -17.73
C GLY A 16 -23.74 -14.84 -18.76
N ASP A 17 -23.53 -13.91 -19.69
CA ASP A 17 -22.52 -14.05 -20.73
C ASP A 17 -21.10 -13.93 -20.18
N GLN A 18 -20.15 -14.45 -20.95
CA GLN A 18 -18.74 -14.39 -20.60
C GLN A 18 -18.13 -13.49 -21.66
N VAL A 19 -17.55 -12.36 -21.22
CA VAL A 19 -16.96 -11.41 -22.16
C VAL A 19 -15.50 -11.09 -21.88
N SER A 20 -14.86 -10.50 -22.87
CA SER A 20 -13.46 -10.11 -22.77
C SER A 20 -13.28 -8.75 -23.45
N ILE A 21 -12.71 -7.80 -22.70
CA ILE A 21 -12.47 -6.45 -23.20
C ILE A 21 -10.97 -6.32 -23.48
N SER A 22 -10.63 -5.53 -24.49
CA SER A 22 -9.24 -5.34 -24.88
C SER A 22 -8.72 -3.91 -24.65
N CYS A 23 -7.46 -3.81 -24.23
CA CYS A 23 -6.80 -2.53 -24.01
C CYS A 23 -5.36 -2.63 -24.50
N ARG A 24 -4.98 -1.72 -25.39
CA ARG A 24 -3.64 -1.72 -25.96
C ARG A 24 -2.92 -0.38 -25.83
N SER A 25 -1.62 -0.46 -25.55
CA SER A 25 -0.78 0.73 -25.41
C SER A 25 0.08 0.93 -26.65
N SER A 26 0.26 2.19 -27.05
CA SER A 26 1.07 2.53 -28.23
C SER A 26 2.55 2.16 -28.05
N GLN A 27 2.96 1.96 -26.79
CA GLN A 27 4.33 1.59 -26.44
C GLN A 27 4.27 0.67 -25.24
N SER A 28 5.36 -0.04 -24.97
CA SER A 28 5.43 -0.94 -23.82
C SER A 28 5.28 -0.17 -22.52
N ILE A 29 4.61 -0.76 -21.53
CA ILE A 29 4.40 -0.12 -20.24
C ILE A 29 5.11 -0.79 -19.06
N PHE A 30 6.38 -1.11 -19.25
CA PHE A 30 7.19 -1.72 -18.20
C PHE A 30 7.86 -0.62 -17.38
N HIS A 31 7.69 -0.66 -16.06
CA HIS A 31 8.30 0.35 -15.21
C HIS A 31 9.58 -0.21 -14.57
N SER A 32 10.42 0.69 -14.08
CA SER A 32 11.70 0.37 -13.46
C SER A 32 11.65 -0.69 -12.36
N ASP A 33 10.58 -0.70 -11.58
CA ASP A 33 10.42 -1.67 -10.48
C ASP A 33 10.30 -3.10 -11.05
N GLY A 34 10.39 -3.21 -12.38
CA GLY A 34 10.28 -4.48 -13.05
C GLY A 34 8.82 -4.86 -13.27
N LYS A 35 7.91 -3.96 -12.88
CA LYS A 35 6.48 -4.22 -12.99
C LYS A 35 5.76 -3.56 -14.17
N THR A 36 4.49 -3.87 -14.27
CA THR A 36 3.61 -3.33 -15.30
C THR A 36 2.41 -2.76 -14.56
N TYR A 37 2.34 -1.45 -14.49
CA TYR A 37 1.25 -0.78 -13.79
C TYR A 37 0.03 -0.54 -14.66
N LEU A 38 -0.73 -1.60 -14.89
CA LEU A 38 -1.96 -1.51 -15.69
C LEU A 38 -3.16 -1.76 -14.79
N GLU A 39 -4.16 -0.89 -14.90
CA GLU A 39 -5.37 -0.99 -14.08
C GLU A 39 -6.64 -1.01 -14.90
N TRP A 40 -7.67 -1.64 -14.34
CA TRP A 40 -8.99 -1.69 -14.96
C TRP A 40 -9.95 -1.09 -13.93
N HIS A 41 -10.74 -0.12 -14.38
CA HIS A 41 -11.71 0.56 -13.51
C HIS A 41 -13.09 0.46 -14.14
N LEU A 42 -14.12 0.46 -13.29
CA LEU A 42 -15.50 0.40 -13.75
C LEU A 42 -16.24 1.62 -13.25
N GLN A 43 -16.95 2.31 -14.14
CA GLN A 43 -17.72 3.48 -13.76
C GLN A 43 -19.17 3.34 -14.20
N LYS A 44 -20.08 3.45 -13.23
CA LYS A 44 -21.51 3.40 -13.49
C LYS A 44 -22.00 4.84 -13.62
N PRO A 45 -23.04 5.09 -14.42
CA PRO A 45 -23.56 6.45 -14.61
C PRO A 45 -23.92 7.17 -13.30
N GLY A 46 -23.38 8.37 -13.14
CA GLY A 46 -23.63 9.16 -11.95
C GLY A 46 -22.80 8.76 -10.73
N GLN A 47 -21.80 7.91 -10.96
CA GLN A 47 -20.94 7.46 -9.87
C GLN A 47 -19.46 7.60 -10.22
N SER A 48 -18.63 7.59 -9.19
CA SER A 48 -17.19 7.68 -9.39
C SER A 48 -16.70 6.31 -9.84
N PRO A 49 -15.54 6.26 -10.52
CA PRO A 49 -15.00 4.98 -10.98
C PRO A 49 -14.66 4.11 -9.76
N LYS A 50 -14.50 2.82 -10.00
CA LYS A 50 -14.18 1.86 -8.95
C LYS A 50 -13.08 0.96 -9.51
N LEU A 51 -12.02 0.74 -8.72
CA LEU A 51 -10.94 -0.13 -9.20
C LEU A 51 -11.38 -1.59 -9.16
N LEU A 52 -11.05 -2.32 -10.21
CA LEU A 52 -11.37 -3.74 -10.28
C LEU A 52 -10.09 -4.54 -10.20
N ILE A 53 -9.15 -4.22 -11.09
CA ILE A 53 -7.88 -4.92 -11.16
C ILE A 53 -6.70 -3.97 -11.36
N TYR A 54 -5.58 -4.29 -10.71
CA TYR A 54 -4.36 -3.47 -10.84
C TYR A 54 -3.16 -4.38 -10.97
N LYS A 55 -2.04 -3.82 -11.44
CA LYS A 55 -0.81 -4.58 -11.65
C LYS A 55 -1.11 -5.74 -12.61
N VAL A 56 -1.91 -5.44 -13.62
CA VAL A 56 -2.33 -6.38 -14.66
C VAL A 56 -3.29 -7.50 -14.22
N SER A 57 -2.99 -8.18 -13.12
CA SER A 57 -3.83 -9.30 -12.70
C SER A 57 -4.29 -9.38 -11.25
N LYS A 58 -3.98 -8.38 -10.44
CA LYS A 58 -4.39 -8.39 -9.04
C LYS A 58 -5.79 -7.86 -8.84
N ARG A 59 -6.63 -8.61 -8.14
CA ARG A 59 -7.99 -8.16 -7.86
C ARG A 59 -7.97 -7.28 -6.63
N PHE A 60 -8.65 -6.13 -6.73
CA PHE A 60 -8.76 -5.16 -5.64
C PHE A 60 -9.65 -5.73 -4.53
N SER A 61 -9.39 -5.30 -3.29
CA SER A 61 -10.16 -5.76 -2.15
C SER A 61 -11.67 -5.63 -2.34
N GLY A 62 -12.39 -6.72 -2.12
CA GLY A 62 -13.84 -6.71 -2.25
C GLY A 62 -14.39 -6.95 -3.65
N VAL A 63 -13.50 -7.17 -4.62
CA VAL A 63 -13.93 -7.41 -6.00
C VAL A 63 -14.20 -8.90 -6.19
N PRO A 64 -15.44 -9.25 -6.62
CA PRO A 64 -15.83 -10.65 -6.85
C PRO A 64 -14.90 -11.38 -7.81
N ASP A 65 -14.81 -12.70 -7.60
CA ASP A 65 -13.96 -13.57 -8.40
C ASP A 65 -14.29 -13.69 -9.88
N ARG A 66 -15.47 -13.21 -10.28
CA ARG A 66 -15.87 -13.28 -11.68
C ARG A 66 -15.01 -12.40 -12.59
N PHE A 67 -14.28 -11.45 -11.98
CA PHE A 67 -13.39 -10.56 -12.71
C PHE A 67 -11.98 -11.12 -12.75
N SER A 68 -11.40 -11.17 -13.94
CA SER A 68 -10.06 -11.69 -14.15
C SER A 68 -9.30 -10.82 -15.14
N GLY A 69 -8.01 -10.61 -14.87
CA GLY A 69 -7.19 -9.80 -15.76
C GLY A 69 -5.89 -10.48 -16.16
N SER A 70 -5.49 -10.26 -17.41
CA SER A 70 -4.26 -10.84 -17.94
C SER A 70 -3.68 -9.94 -19.02
N GLY A 71 -2.53 -10.34 -19.55
CA GLY A 71 -1.89 -9.56 -20.61
C GLY A 71 -0.40 -9.39 -20.38
N SER A 72 0.26 -8.71 -21.32
CA SER A 72 1.69 -8.46 -21.23
C SER A 72 2.18 -7.52 -22.33
N GLY A 73 3.25 -6.80 -22.03
CA GLY A 73 3.84 -5.87 -22.99
C GLY A 73 2.98 -4.72 -23.45
N THR A 74 2.10 -5.00 -24.42
CA THR A 74 1.23 -3.98 -24.98
C THR A 74 -0.22 -4.43 -25.17
N ASP A 75 -0.50 -5.68 -24.82
CA ASP A 75 -1.84 -6.23 -24.98
C ASP A 75 -2.38 -6.76 -23.66
N PHE A 76 -3.50 -6.21 -23.23
CA PHE A 76 -4.12 -6.61 -21.97
C PHE A 76 -5.58 -6.94 -22.15
N THR A 77 -6.09 -7.83 -21.30
CA THR A 77 -7.47 -8.26 -21.39
C THR A 77 -8.17 -8.40 -20.05
N LEU A 78 -9.38 -7.85 -19.97
CA LEU A 78 -10.20 -7.95 -18.78
C LEU A 78 -11.27 -8.98 -19.13
N LYS A 79 -11.43 -9.98 -18.27
CA LYS A 79 -12.43 -11.01 -18.49
C LYS A 79 -13.47 -11.08 -17.39
N ILE A 80 -14.73 -11.18 -17.79
CA ILE A 80 -15.84 -11.30 -16.85
C ILE A 80 -16.45 -12.66 -17.26
N SER A 81 -16.33 -13.65 -16.40
N SER A 81 -16.33 -13.65 -16.39
CA SER A 81 -16.84 -15.00 -16.69
CA SER A 81 -16.84 -14.99 -16.68
C SER A 81 -18.36 -15.18 -16.60
C SER A 81 -18.35 -15.17 -16.60
N ARG A 82 -19.04 -14.24 -15.95
CA ARG A 82 -20.51 -14.31 -15.83
C ARG A 82 -21.11 -12.95 -15.47
N VAL A 83 -21.45 -12.18 -16.50
CA VAL A 83 -22.02 -10.84 -16.31
C VAL A 83 -23.23 -10.80 -15.38
N GLU A 84 -23.20 -9.86 -14.44
CA GLU A 84 -24.27 -9.65 -13.47
C GLU A 84 -24.78 -8.23 -13.68
N ALA A 85 -25.97 -7.93 -13.16
CA ALA A 85 -26.57 -6.60 -13.30
C ALA A 85 -25.64 -5.47 -12.83
N GLU A 86 -24.86 -5.75 -11.79
CA GLU A 86 -23.93 -4.78 -11.23
C GLU A 86 -22.72 -4.49 -12.13
N ASP A 87 -22.52 -5.30 -13.17
CA ASP A 87 -21.38 -5.13 -14.06
C ASP A 87 -21.59 -4.20 -15.26
N LEU A 88 -22.82 -3.73 -15.45
CA LEU A 88 -23.11 -2.84 -16.57
C LEU A 88 -22.53 -1.44 -16.29
N GLY A 89 -21.80 -0.92 -17.26
CA GLY A 89 -21.19 0.39 -17.10
C GLY A 89 -20.02 0.57 -18.06
N VAL A 90 -19.20 1.58 -17.81
CA VAL A 90 -18.05 1.85 -18.68
C VAL A 90 -16.75 1.37 -18.02
N TYR A 91 -16.00 0.56 -18.75
CA TYR A 91 -14.72 0.03 -18.28
C TYR A 91 -13.56 0.83 -18.87
N TYR A 92 -12.64 1.24 -18.00
CA TYR A 92 -11.48 2.02 -18.40
C TYR A 92 -10.17 1.35 -18.00
N CYS A 93 -9.22 1.27 -18.91
CA CYS A 93 -7.92 0.72 -18.55
C CYS A 93 -7.05 1.95 -18.31
N PHE A 94 -5.98 1.77 -17.54
CA PHE A 94 -5.10 2.88 -17.19
C PHE A 94 -3.66 2.39 -17.03
N GLN A 95 -2.72 3.19 -17.51
CA GLN A 95 -1.29 2.85 -17.39
C GLN A 95 -0.64 3.86 -16.44
N GLY A 96 0.04 3.35 -15.43
CA GLY A 96 0.70 4.21 -14.47
C GLY A 96 2.19 3.97 -14.41
N SER A 97 2.78 3.62 -15.56
CA SER A 97 4.20 3.35 -15.61
C SER A 97 5.00 4.45 -16.31
N HIS A 98 4.33 5.26 -17.12
CA HIS A 98 5.00 6.35 -17.84
C HIS A 98 4.24 7.67 -17.75
N VAL A 99 4.92 8.68 -17.21
CA VAL A 99 4.33 10.01 -17.06
C VAL A 99 4.27 10.73 -18.41
N PRO A 100 3.12 11.34 -18.72
CA PRO A 100 1.91 11.40 -17.89
C PRO A 100 1.06 10.14 -17.98
N TYR A 101 0.51 9.72 -16.85
CA TYR A 101 -0.34 8.54 -16.80
C TYR A 101 -1.56 8.79 -17.69
N THR A 102 -1.99 7.76 -18.40
CA THR A 102 -3.11 7.89 -19.33
C THR A 102 -4.18 6.81 -19.21
N PHE A 103 -5.39 7.18 -19.60
CA PHE A 103 -6.56 6.28 -19.60
C PHE A 103 -6.97 5.97 -21.02
N GLY A 104 -7.64 4.82 -21.19
CA GLY A 104 -8.16 4.42 -22.48
C GLY A 104 -9.49 5.17 -22.66
N GLY A 105 -10.05 5.13 -23.87
CA GLY A 105 -11.30 5.81 -24.14
C GLY A 105 -12.56 5.22 -23.52
N GLY A 106 -12.45 3.98 -23.04
CA GLY A 106 -13.58 3.32 -22.43
C GLY A 106 -14.35 2.35 -23.31
N THR A 107 -14.90 1.33 -22.67
CA THR A 107 -15.71 0.31 -23.33
C THR A 107 -17.01 0.22 -22.55
N LYS A 108 -18.12 0.47 -23.21
CA LYS A 108 -19.41 0.45 -22.53
C LYS A 108 -20.11 -0.90 -22.67
N LEU A 109 -20.52 -1.46 -21.55
CA LEU A 109 -21.26 -2.72 -21.55
C LEU A 109 -22.73 -2.36 -21.42
N GLU A 110 -23.54 -2.83 -22.37
CA GLU A 110 -24.97 -2.54 -22.34
C GLU A 110 -25.79 -3.82 -22.50
N ILE A 111 -27.06 -3.73 -22.19
CA ILE A 111 -27.95 -4.89 -22.29
C ILE A 111 -28.40 -5.08 -23.73
N LYS A 112 -28.29 -6.31 -24.21
CA LYS A 112 -28.72 -6.64 -25.55
C LYS A 112 -30.19 -7.04 -25.49
N ARG A 113 -30.98 -6.49 -26.40
CA ARG A 113 -32.40 -6.81 -26.47
C ARG A 113 -32.77 -6.94 -27.94
N ALA A 114 -34.02 -7.31 -28.21
CA ALA A 114 -34.49 -7.45 -29.59
C ALA A 114 -34.50 -6.10 -30.29
N ASP A 115 -34.36 -6.12 -31.61
CA ASP A 115 -34.38 -4.89 -32.39
C ASP A 115 -35.69 -4.16 -32.15
N ALA A 116 -35.63 -2.83 -32.16
CA ALA A 116 -36.80 -2.00 -31.96
C ALA A 116 -36.74 -0.79 -32.88
N ALA A 117 -37.76 -0.62 -33.70
CA ALA A 117 -37.81 0.48 -34.63
C ALA A 117 -38.18 1.78 -33.92
N PRO A 118 -37.51 2.89 -34.26
CA PRO A 118 -37.78 4.19 -33.64
C PRO A 118 -39.14 4.78 -34.05
N THR A 119 -39.79 5.43 -33.09
CA THR A 119 -41.05 6.12 -33.36
C THR A 119 -40.59 7.55 -33.58
N VAL A 120 -40.74 8.05 -34.81
CA VAL A 120 -40.29 9.39 -35.16
C VAL A 120 -41.45 10.38 -35.23
N SER A 121 -41.26 11.55 -34.61
CA SER A 121 -42.27 12.60 -34.60
C SER A 121 -41.58 13.93 -34.87
N ILE A 122 -42.17 14.76 -35.72
CA ILE A 122 -41.58 16.05 -36.05
C ILE A 122 -42.54 17.15 -35.62
N PHE A 123 -41.99 18.24 -35.11
CA PHE A 123 -42.80 19.34 -34.62
C PHE A 123 -42.37 20.70 -35.13
N PRO A 124 -43.30 21.42 -35.77
CA PRO A 124 -43.00 22.76 -36.30
C PRO A 124 -42.92 23.68 -35.08
N PRO A 125 -42.33 24.87 -35.26
CA PRO A 125 -42.21 25.83 -34.14
C PRO A 125 -43.58 26.25 -33.61
N SER A 126 -43.66 26.50 -32.32
CA SER A 126 -44.91 26.93 -31.70
C SER A 126 -45.12 28.40 -32.07
N SER A 127 -46.38 28.84 -32.06
CA SER A 127 -46.72 30.22 -32.37
C SER A 127 -46.05 31.14 -31.36
N GLU A 128 -45.93 30.66 -30.12
CA GLU A 128 -45.31 31.42 -29.03
C GLU A 128 -43.85 31.74 -29.30
N GLN A 129 -43.10 30.77 -29.85
CA GLN A 129 -41.70 31.01 -30.14
C GLN A 129 -41.50 31.94 -31.33
N LEU A 130 -42.35 31.79 -32.34
CA LEU A 130 -42.25 32.63 -33.54
C LEU A 130 -42.43 34.11 -33.19
N THR A 131 -43.30 34.38 -32.21
CA THR A 131 -43.57 35.73 -31.74
C THR A 131 -42.31 36.40 -31.18
N SER A 132 -41.41 35.60 -30.63
CA SER A 132 -40.17 36.10 -30.06
C SER A 132 -39.03 36.22 -31.08
N GLY A 133 -39.29 35.79 -32.31
CA GLY A 133 -38.27 35.86 -33.35
C GLY A 133 -37.40 34.62 -33.50
N GLY A 134 -37.80 33.53 -32.88
CA GLY A 134 -37.04 32.29 -32.96
C GLY A 134 -37.86 31.17 -33.57
N ALA A 135 -37.18 30.12 -34.03
CA ALA A 135 -37.86 28.99 -34.65
C ALA A 135 -37.07 27.69 -34.50
N SER A 136 -37.51 26.86 -33.57
CA SER A 136 -36.87 25.57 -33.34
C SER A 136 -37.76 24.44 -33.87
N VAL A 137 -37.22 23.63 -34.77
CA VAL A 137 -37.98 22.50 -35.32
C VAL A 137 -37.44 21.27 -34.57
N VAL A 138 -38.34 20.54 -33.93
CA VAL A 138 -37.92 19.39 -33.14
C VAL A 138 -38.32 18.02 -33.71
N CYS A 139 -37.40 17.08 -33.58
CA CYS A 139 -37.63 15.72 -34.04
C CYS A 139 -37.26 14.76 -32.92
N PHE A 140 -38.23 13.94 -32.50
CA PHE A 140 -37.98 12.93 -31.46
C PHE A 140 -37.89 11.57 -32.14
N LEU A 141 -36.90 10.80 -31.75
CA LEU A 141 -36.72 9.43 -32.27
C LEU A 141 -36.68 8.59 -30.99
N ASN A 142 -37.83 8.04 -30.63
CA ASN A 142 -38.00 7.29 -29.40
C ASN A 142 -38.06 5.77 -29.42
N ASN A 143 -37.56 5.20 -28.32
CA ASN A 143 -37.58 3.77 -28.05
C ASN A 143 -37.06 2.84 -29.14
N PHE A 144 -35.81 3.02 -29.52
CA PHE A 144 -35.22 2.19 -30.55
C PHE A 144 -34.02 1.41 -30.03
N TYR A 145 -33.66 0.37 -30.78
CA TYR A 145 -32.51 -0.47 -30.46
C TYR A 145 -32.18 -1.24 -31.74
N PRO A 146 -30.88 -1.35 -32.08
CA PRO A 146 -29.72 -0.82 -31.37
C PRO A 146 -29.55 0.71 -31.38
N LYS A 147 -28.58 1.20 -30.62
CA LYS A 147 -28.32 2.64 -30.49
C LYS A 147 -27.83 3.33 -31.75
N ASP A 148 -27.12 2.60 -32.60
CA ASP A 148 -26.59 3.18 -33.82
C ASP A 148 -27.69 3.73 -34.71
N ILE A 149 -27.66 5.03 -34.94
CA ILE A 149 -28.66 5.69 -35.77
C ILE A 149 -28.07 6.96 -36.37
N ASN A 150 -28.49 7.28 -37.59
CA ASN A 150 -27.99 8.47 -38.25
C ASN A 150 -29.18 9.35 -38.62
N VAL A 151 -29.15 10.59 -38.13
CA VAL A 151 -30.24 11.53 -38.37
C VAL A 151 -29.79 12.73 -39.20
N LYS A 152 -30.54 13.01 -40.26
CA LYS A 152 -30.25 14.14 -41.13
C LYS A 152 -31.45 15.07 -41.22
N TRP A 153 -31.17 16.36 -41.33
CA TRP A 153 -32.22 17.35 -41.47
C TRP A 153 -32.15 17.88 -42.89
N LYS A 154 -33.31 18.01 -43.53
CA LYS A 154 -33.36 18.53 -44.89
C LYS A 154 -34.36 19.67 -44.98
N ILE A 155 -33.89 20.79 -45.52
CA ILE A 155 -34.72 21.97 -45.70
C ILE A 155 -34.82 22.19 -47.20
N ASP A 156 -36.04 22.07 -47.72
CA ASP A 156 -36.31 22.22 -49.15
C ASP A 156 -35.47 21.25 -49.97
N GLY A 157 -35.31 20.03 -49.45
CA GLY A 157 -34.54 19.01 -50.13
C GLY A 157 -33.04 19.05 -49.89
N SER A 158 -32.55 20.13 -49.30
CA SER A 158 -31.12 20.28 -49.03
C SER A 158 -30.75 19.97 -47.59
N GLU A 159 -29.69 19.18 -47.42
CA GLU A 159 -29.22 18.80 -46.10
C GLU A 159 -28.71 20.03 -45.35
N ARG A 160 -29.07 20.13 -44.07
CA ARG A 160 -28.67 21.23 -43.21
C ARG A 160 -27.99 20.67 -41.98
N GLN A 161 -26.74 21.07 -41.74
CA GLN A 161 -26.00 20.58 -40.59
C GLN A 161 -25.78 21.60 -39.47
N ASN A 162 -25.66 22.87 -39.83
CA ASN A 162 -25.46 23.92 -38.84
C ASN A 162 -26.76 24.28 -38.11
N GLY A 163 -26.66 24.50 -36.80
CA GLY A 163 -27.82 24.86 -36.02
C GLY A 163 -28.53 23.65 -35.44
N VAL A 164 -27.95 22.47 -35.62
CA VAL A 164 -28.54 21.23 -35.13
C VAL A 164 -27.92 20.81 -33.81
N LEU A 165 -28.77 20.54 -32.82
CA LEU A 165 -28.34 20.08 -31.51
C LEU A 165 -29.05 18.78 -31.15
N ASN A 166 -28.28 17.75 -30.81
CA ASN A 166 -28.83 16.46 -30.46
C ASN A 166 -28.58 16.11 -29.00
N SER A 167 -29.51 15.36 -28.41
CA SER A 167 -29.34 14.92 -27.04
C SER A 167 -29.88 13.49 -26.95
N TRP A 168 -29.18 12.64 -26.21
CA TRP A 168 -29.54 11.23 -26.07
C TRP A 168 -29.85 10.83 -24.63
N THR A 169 -30.74 9.85 -24.48
CA THR A 169 -31.03 9.34 -23.14
C THR A 169 -30.12 8.11 -23.02
N ASP A 170 -29.95 7.60 -21.81
CA ASP A 170 -29.15 6.42 -21.62
C ASP A 170 -30.09 5.25 -21.85
N GLN A 171 -29.56 4.04 -21.89
CA GLN A 171 -30.41 2.87 -22.10
C GLN A 171 -31.48 2.82 -21.02
N ASP A 172 -32.74 2.70 -21.45
CA ASP A 172 -33.87 2.66 -20.54
C ASP A 172 -33.81 1.47 -19.57
N SER A 173 -34.09 1.75 -18.30
CA SER A 173 -34.06 0.74 -17.25
C SER A 173 -35.19 -0.30 -17.34
N LYS A 174 -36.29 0.07 -18.00
CA LYS A 174 -37.43 -0.84 -18.15
C LYS A 174 -37.39 -1.67 -19.43
N ASP A 175 -37.35 -1.00 -20.59
CA ASP A 175 -37.34 -1.71 -21.87
C ASP A 175 -36.00 -1.83 -22.60
N SER A 176 -34.93 -1.29 -22.00
CA SER A 176 -33.58 -1.35 -22.57
C SER A 176 -33.39 -0.67 -23.94
N THR A 177 -34.27 0.26 -24.28
CA THR A 177 -34.16 0.96 -25.56
C THR A 177 -33.49 2.32 -25.35
N TYR A 178 -33.20 3.00 -26.45
CA TYR A 178 -32.59 4.33 -26.44
C TYR A 178 -33.56 5.32 -27.08
N SER A 179 -33.41 6.60 -26.74
CA SER A 179 -34.23 7.66 -27.31
C SER A 179 -33.33 8.85 -27.62
N MET A 180 -33.75 9.67 -28.56
CA MET A 180 -32.96 10.83 -28.97
C MET A 180 -33.84 11.98 -29.44
N SER A 181 -33.38 13.19 -29.19
CA SER A 181 -34.09 14.39 -29.63
C SER A 181 -33.13 15.19 -30.48
N SER A 182 -33.61 15.64 -31.65
CA SER A 182 -32.79 16.43 -32.55
C SER A 182 -33.53 17.75 -32.76
N THR A 183 -32.83 18.85 -32.52
CA THR A 183 -33.43 20.16 -32.66
C THR A 183 -32.71 21.04 -33.66
N LEU A 184 -33.46 21.56 -34.61
CA LEU A 184 -32.92 22.43 -35.64
C LEU A 184 -33.35 23.85 -35.27
N THR A 185 -32.39 24.71 -34.93
CA THR A 185 -32.72 26.07 -34.55
C THR A 185 -32.41 27.10 -35.64
N LEU A 186 -33.41 27.93 -35.95
CA LEU A 186 -33.30 28.96 -36.96
C LEU A 186 -33.94 30.23 -36.42
N THR A 187 -33.86 31.31 -37.20
CA THR A 187 -34.50 32.56 -36.81
C THR A 187 -35.88 32.53 -37.46
N LYS A 188 -36.78 33.39 -37.01
CA LYS A 188 -38.13 33.45 -37.57
C LYS A 188 -38.10 33.70 -39.08
N ASP A 189 -37.32 34.69 -39.49
CA ASP A 189 -37.20 35.05 -40.90
C ASP A 189 -36.67 33.91 -41.75
N GLU A 190 -35.61 33.25 -41.28
CA GLU A 190 -35.03 32.12 -42.02
C GLU A 190 -36.02 30.97 -42.15
N TYR A 191 -36.78 30.73 -41.08
CA TYR A 191 -37.79 29.67 -41.09
C TYR A 191 -38.88 30.01 -42.10
N GLU A 192 -39.16 31.31 -42.23
CA GLU A 192 -40.18 31.79 -43.16
C GLU A 192 -39.75 31.75 -44.63
N ARG A 193 -38.44 31.61 -44.87
CA ARG A 193 -37.89 31.57 -46.23
C ARG A 193 -38.01 30.19 -46.90
N HIS A 194 -38.28 29.16 -46.10
CA HIS A 194 -38.38 27.81 -46.62
C HIS A 194 -39.75 27.19 -46.39
N ASN A 195 -40.03 26.08 -47.08
CA ASN A 195 -41.32 25.44 -46.94
C ASN A 195 -41.31 23.99 -46.48
N SER A 196 -40.36 23.21 -46.96
CA SER A 196 -40.26 21.79 -46.62
C SER A 196 -39.21 21.49 -45.55
N TYR A 197 -39.66 20.89 -44.45
CA TYR A 197 -38.77 20.51 -43.34
C TYR A 197 -38.84 19.00 -43.10
N THR A 198 -37.69 18.34 -43.15
CA THR A 198 -37.63 16.89 -43.00
C THR A 198 -36.60 16.37 -42.00
N CYS A 199 -37.04 15.42 -41.18
CA CYS A 199 -36.18 14.73 -40.22
C CYS A 199 -36.08 13.32 -40.80
N GLU A 200 -34.89 12.92 -41.21
CA GLU A 200 -34.67 11.60 -41.81
C GLU A 200 -33.69 10.74 -41.02
N ALA A 201 -34.09 9.52 -40.72
CA ALA A 201 -33.24 8.62 -39.96
C ALA A 201 -32.96 7.29 -40.65
N THR A 202 -31.74 6.80 -40.46
CA THR A 202 -31.32 5.52 -41.01
C THR A 202 -31.02 4.65 -39.81
N HIS A 203 -31.62 3.46 -39.77
CA HIS A 203 -31.46 2.54 -38.65
C HIS A 203 -31.48 1.09 -39.17
N LYS A 204 -30.97 0.18 -38.34
CA LYS A 204 -30.92 -1.24 -38.68
C LYS A 204 -32.31 -1.84 -39.00
N THR A 205 -33.34 -1.34 -38.33
CA THR A 205 -34.70 -1.85 -38.50
C THR A 205 -35.46 -1.55 -39.79
N SER A 206 -34.89 -0.73 -40.66
CA SER A 206 -35.56 -0.37 -41.91
C SER A 206 -34.56 -0.35 -43.06
N THR A 207 -34.94 -0.95 -44.17
CA THR A 207 -34.07 -1.01 -45.35
C THR A 207 -33.93 0.33 -46.05
N SER A 208 -34.89 1.22 -45.82
CA SER A 208 -34.85 2.56 -46.41
C SER A 208 -34.89 3.60 -45.28
N PRO A 209 -34.55 4.86 -45.59
CA PRO A 209 -34.58 5.88 -44.53
C PRO A 209 -36.00 6.12 -44.03
N ILE A 210 -36.12 6.39 -42.73
CA ILE A 210 -37.40 6.67 -42.10
C ILE A 210 -37.55 8.19 -42.15
N VAL A 211 -38.61 8.68 -42.77
CA VAL A 211 -38.78 10.12 -42.89
C VAL A 211 -40.06 10.68 -42.30
N LYS A 212 -39.95 11.85 -41.67
CA LYS A 212 -41.09 12.58 -41.12
C LYS A 212 -40.89 13.99 -41.64
N SER A 213 -41.94 14.55 -42.20
CA SER A 213 -41.83 15.87 -42.79
C SER A 213 -43.11 16.67 -42.71
N PHE A 214 -42.98 17.98 -42.89
CA PHE A 214 -44.12 18.88 -42.89
C PHE A 214 -43.83 20.08 -43.77
N ASN A 215 -44.90 20.68 -44.29
CA ASN A 215 -44.80 21.86 -45.14
C ASN A 215 -45.29 23.05 -44.33
N ARG A 216 -44.51 24.13 -44.33
CA ARG A 216 -44.84 25.34 -43.57
C ARG A 216 -46.24 25.89 -43.91
N ASN A 217 -46.56 25.95 -45.20
CA ASN A 217 -47.85 26.46 -45.64
C ASN A 217 -48.98 25.41 -45.66
N ALA A 218 -49.32 24.91 -44.48
CA ALA A 218 -50.37 23.90 -44.35
C ALA A 218 -50.88 23.85 -42.90
N GLU B 1 -13.09 1.62 7.78
CA GLU B 1 -13.10 1.57 6.29
C GLU B 1 -12.40 2.79 5.72
N ILE B 2 -11.81 2.62 4.54
CA ILE B 2 -11.09 3.69 3.88
C ILE B 2 -12.01 4.54 3.01
N GLN B 3 -11.96 5.86 3.22
CA GLN B 3 -12.79 6.81 2.49
C GLN B 3 -12.07 8.09 2.10
N LEU B 4 -12.46 8.63 0.95
CA LEU B 4 -11.95 9.89 0.44
C LEU B 4 -13.22 10.68 0.16
N GLN B 5 -13.45 11.72 0.94
CA GLN B 5 -14.64 12.55 0.80
C GLN B 5 -14.28 13.91 0.24
N GLN B 6 -14.89 14.25 -0.90
CA GLN B 6 -14.61 15.53 -1.54
C GLN B 6 -15.64 16.61 -1.21
N SER B 7 -15.24 17.86 -1.45
CA SER B 7 -16.11 19.00 -1.21
C SER B 7 -17.21 19.04 -2.28
N GLY B 8 -18.24 19.84 -2.03
CA GLY B 8 -19.39 19.95 -2.93
C GLY B 8 -19.23 20.68 -4.24
N PRO B 9 -20.27 20.62 -5.10
CA PRO B 9 -20.27 21.27 -6.42
C PRO B 9 -20.07 22.78 -6.35
N GLU B 10 -19.45 23.33 -7.37
CA GLU B 10 -19.15 24.75 -7.43
C GLU B 10 -19.53 25.36 -8.77
N LEU B 11 -20.09 26.57 -8.68
CA LEU B 11 -20.45 27.36 -9.85
C LEU B 11 -19.62 28.62 -9.69
N VAL B 12 -18.65 28.81 -10.58
CA VAL B 12 -17.79 29.97 -10.49
C VAL B 12 -17.65 30.72 -11.80
N LYS B 13 -17.20 31.97 -11.73
CA LYS B 13 -17.02 32.79 -12.92
C LYS B 13 -15.64 32.61 -13.54
N PRO B 14 -15.53 32.81 -14.86
CA PRO B 14 -14.25 32.67 -15.56
C PRO B 14 -13.26 33.68 -14.97
N GLY B 15 -12.00 33.29 -14.88
CA GLY B 15 -10.98 34.18 -14.35
C GLY B 15 -10.71 34.03 -12.86
N ALA B 16 -11.64 33.42 -12.15
CA ALA B 16 -11.48 33.21 -10.71
C ALA B 16 -10.71 31.91 -10.43
N SER B 17 -10.72 31.50 -9.17
CA SER B 17 -10.05 30.27 -8.77
C SER B 17 -10.92 29.55 -7.75
N VAL B 18 -10.69 28.26 -7.58
CA VAL B 18 -11.48 27.49 -6.63
C VAL B 18 -10.60 26.42 -5.96
N LYS B 19 -10.99 26.03 -4.76
CA LYS B 19 -10.28 25.01 -4.00
C LYS B 19 -11.16 23.80 -3.79
N VAL B 20 -10.70 22.64 -4.24
CA VAL B 20 -11.44 21.40 -4.07
C VAL B 20 -10.70 20.62 -2.99
N SER B 21 -11.43 20.14 -2.00
CA SER B 21 -10.84 19.38 -0.91
C SER B 21 -11.10 17.88 -1.04
N CYS B 22 -10.22 17.11 -0.43
CA CYS B 22 -10.30 15.65 -0.46
C CYS B 22 -9.80 15.14 0.89
N LYS B 23 -10.75 14.83 1.77
CA LYS B 23 -10.44 14.35 3.11
C LYS B 23 -10.35 12.82 3.18
N ALA B 24 -9.23 12.33 3.70
CA ALA B 24 -9.01 10.90 3.83
C ALA B 24 -9.23 10.42 5.27
N SER B 25 -9.66 9.17 5.39
CA SER B 25 -9.88 8.55 6.70
C SER B 25 -9.76 7.03 6.56
N GLY B 26 -9.38 6.37 7.65
CA GLY B 26 -9.26 4.91 7.64
C GLY B 26 -7.88 4.32 7.44
N TYR B 27 -6.88 5.18 7.22
CA TYR B 27 -5.50 4.73 7.02
C TYR B 27 -4.60 5.94 7.34
N SER B 28 -3.29 5.71 7.41
N SER B 28 -3.29 5.71 7.41
CA SER B 28 -2.37 6.81 7.71
CA SER B 28 -2.37 6.81 7.71
C SER B 28 -2.12 7.63 6.44
C SER B 28 -2.12 7.63 6.44
N PHE B 29 -2.77 8.78 6.39
CA PHE B 29 -2.69 9.71 5.28
C PHE B 29 -1.30 9.99 4.73
N ILE B 30 -0.36 10.24 5.65
CA ILE B 30 1.02 10.55 5.29
C ILE B 30 1.76 9.44 4.52
N ASP B 31 1.22 8.23 4.56
CA ASP B 31 1.88 7.10 3.90
C ASP B 31 1.62 6.84 2.42
N TYR B 32 0.56 7.44 1.87
CA TYR B 32 0.23 7.21 0.47
C TYR B 32 0.03 8.49 -0.34
N ASN B 33 0.19 8.37 -1.65
CA ASN B 33 0.06 9.51 -2.55
C ASN B 33 -1.39 9.83 -2.91
N ILE B 34 -1.65 11.11 -3.19
CA ILE B 34 -2.98 11.57 -3.59
C ILE B 34 -2.90 12.05 -5.04
N HIS B 35 -3.72 11.45 -5.90
CA HIS B 35 -3.78 11.79 -7.32
C HIS B 35 -5.05 12.57 -7.62
N TRP B 36 -5.00 13.35 -8.69
CA TRP B 36 -6.16 14.11 -9.12
C TRP B 36 -6.46 13.80 -10.58
N VAL B 37 -7.74 13.64 -10.88
CA VAL B 37 -8.20 13.28 -12.22
C VAL B 37 -9.36 14.15 -12.67
N LYS B 38 -9.39 14.46 -13.96
CA LYS B 38 -10.44 15.27 -14.56
C LYS B 38 -11.27 14.44 -15.53
N GLN B 39 -12.59 14.59 -15.47
CA GLN B 39 -13.45 13.88 -16.41
C GLN B 39 -14.33 14.90 -17.11
N SER B 40 -14.09 15.10 -18.40
CA SER B 40 -14.85 16.03 -19.21
C SER B 40 -16.01 15.28 -19.87
N HIS B 41 -17.15 15.96 -19.93
N HIS B 41 -17.11 15.99 -20.11
CA HIS B 41 -18.38 15.46 -20.54
CA HIS B 41 -18.33 15.41 -20.69
C HIS B 41 -18.78 14.03 -20.23
C HIS B 41 -18.72 13.98 -20.27
N GLY B 42 -18.48 13.65 -18.99
CA GLY B 42 -18.81 12.32 -18.48
C GLY B 42 -18.24 11.19 -19.32
N LYS B 43 -17.10 11.46 -19.96
CA LYS B 43 -16.48 10.46 -20.82
C LYS B 43 -14.97 10.34 -20.65
N SER B 44 -14.23 11.29 -21.20
CA SER B 44 -12.78 11.27 -21.15
C SER B 44 -12.17 11.51 -19.76
N LEU B 45 -11.27 10.62 -19.34
CA LEU B 45 -10.59 10.75 -18.07
C LEU B 45 -9.15 11.20 -18.32
N GLU B 46 -8.70 12.19 -17.57
CA GLU B 46 -7.35 12.72 -17.70
C GLU B 46 -6.69 12.81 -16.34
N TRP B 47 -5.45 12.35 -16.26
CA TRP B 47 -4.69 12.41 -15.02
C TRP B 47 -4.02 13.78 -14.96
N ILE B 48 -4.18 14.45 -13.83
CA ILE B 48 -3.62 15.78 -13.62
C ILE B 48 -2.23 15.74 -12.98
N GLY B 49 -2.10 14.97 -11.90
CA GLY B 49 -0.84 14.85 -11.20
C GLY B 49 -1.05 14.28 -9.82
N TYR B 50 0.02 14.15 -9.06
CA TYR B 50 -0.10 13.64 -7.70
C TYR B 50 0.84 14.37 -6.75
N ILE B 51 0.55 14.26 -5.46
CA ILE B 51 1.36 14.88 -4.44
C ILE B 51 1.77 13.82 -3.41
N VAL B 52 2.99 13.95 -2.91
CA VAL B 52 3.53 13.07 -1.87
C VAL B 52 3.31 13.89 -0.59
N PRO B 53 2.36 13.46 0.27
CA PRO B 53 2.04 14.15 1.52
C PRO B 53 3.21 14.55 2.41
N TYR B 54 4.13 13.61 2.62
CA TYR B 54 5.25 13.89 3.51
C TYR B 54 6.15 15.03 3.07
N SER B 55 6.62 14.97 1.84
CA SER B 55 7.54 15.97 1.29
C SER B 55 6.88 17.15 0.60
N GLY B 56 5.64 16.97 0.15
CA GLY B 56 4.96 18.02 -0.57
C GLY B 56 5.36 18.00 -2.03
N GLY B 57 6.22 17.05 -2.42
CA GLY B 57 6.67 16.95 -3.79
C GLY B 57 5.53 16.61 -4.73
N THR B 58 5.58 17.13 -5.96
CA THR B 58 4.53 16.88 -6.94
C THR B 58 5.06 16.48 -8.31
N THR B 59 4.25 15.71 -9.03
CA THR B 59 4.56 15.26 -10.37
C THR B 59 3.29 15.58 -11.16
N PHE B 60 3.44 16.38 -12.21
CA PHE B 60 2.32 16.82 -13.02
C PHE B 60 2.28 16.39 -14.47
N ASN B 61 1.07 16.40 -15.01
CA ASN B 61 0.84 16.13 -16.42
C ASN B 61 1.17 17.54 -16.92
N GLN B 62 2.11 17.66 -17.84
CA GLN B 62 2.53 18.96 -18.37
C GLN B 62 1.37 19.86 -18.77
N LYS B 63 0.30 19.25 -19.28
CA LYS B 63 -0.88 19.99 -19.71
C LYS B 63 -1.55 20.81 -18.59
N PHE B 64 -1.38 20.38 -17.35
CA PHE B 64 -1.99 21.06 -16.20
C PHE B 64 -1.08 21.95 -15.35
N LYS B 65 0.16 22.17 -15.81
CA LYS B 65 1.09 23.03 -15.08
C LYS B 65 0.55 24.46 -15.06
N GLY B 66 0.49 25.05 -13.87
CA GLY B 66 -0.03 26.41 -13.75
C GLY B 66 -1.52 26.44 -13.50
N LYS B 67 -2.25 25.53 -14.17
CA LYS B 67 -3.69 25.42 -14.02
C LYS B 67 -4.07 24.86 -12.65
N ALA B 68 -3.35 23.86 -12.20
CA ALA B 68 -3.63 23.26 -10.92
C ALA B 68 -2.47 23.35 -9.96
N THR B 69 -2.80 23.56 -8.69
CA THR B 69 -1.82 23.67 -7.61
C THR B 69 -2.26 22.64 -6.57
N LEU B 70 -1.34 21.77 -6.18
CA LEU B 70 -1.66 20.75 -5.19
C LEU B 70 -0.98 20.98 -3.86
N THR B 71 -1.74 20.83 -2.79
CA THR B 71 -1.22 20.99 -1.44
C THR B 71 -1.86 19.94 -0.55
N VAL B 72 -1.39 19.89 0.69
CA VAL B 72 -1.93 18.98 1.66
C VAL B 72 -1.85 19.58 3.07
N ASP B 73 -2.79 19.18 3.93
CA ASP B 73 -2.83 19.61 5.33
C ASP B 73 -2.71 18.32 6.12
N LYS B 74 -1.50 18.03 6.58
CA LYS B 74 -1.21 16.82 7.34
C LYS B 74 -2.04 16.65 8.61
N SER B 75 -2.22 17.73 9.36
CA SER B 75 -2.98 17.68 10.60
C SER B 75 -4.42 17.23 10.44
N SER B 76 -5.05 17.61 9.32
CA SER B 76 -6.44 17.23 9.09
C SER B 76 -6.63 16.13 8.05
N SER B 77 -5.53 15.49 7.64
CA SER B 77 -5.56 14.41 6.65
C SER B 77 -6.40 14.81 5.42
N THR B 78 -6.14 16.01 4.92
CA THR B 78 -6.87 16.53 3.77
C THR B 78 -5.95 17.02 2.65
N ALA B 79 -6.31 16.67 1.42
CA ALA B 79 -5.53 17.11 0.25
C ALA B 79 -6.38 18.13 -0.48
N PHE B 80 -5.72 19.10 -1.12
CA PHE B 80 -6.43 20.16 -1.84
C PHE B 80 -5.89 20.36 -3.24
N MET B 81 -6.78 20.71 -4.16
CA MET B 81 -6.37 21.03 -5.51
C MET B 81 -6.97 22.40 -5.79
N HIS B 82 -6.10 23.34 -6.15
CA HIS B 82 -6.54 24.69 -6.48
C HIS B 82 -6.54 24.82 -7.99
N LEU B 83 -7.68 25.17 -8.57
CA LEU B 83 -7.75 25.37 -10.02
C LEU B 83 -7.73 26.88 -10.19
N ASN B 84 -6.81 27.36 -11.03
CA ASN B 84 -6.59 28.78 -11.22
C ASN B 84 -6.93 29.32 -12.60
N SER B 85 -7.21 30.63 -12.68
CA SER B 85 -7.53 31.33 -13.92
C SER B 85 -8.52 30.52 -14.76
N LEU B 86 -9.65 30.19 -14.14
CA LEU B 86 -10.68 29.37 -14.76
C LEU B 86 -11.26 29.86 -16.07
N THR B 87 -11.56 28.91 -16.95
CA THR B 87 -12.17 29.18 -18.24
C THR B 87 -13.25 28.12 -18.41
N PHE B 88 -14.08 28.26 -19.44
CA PHE B 88 -15.16 27.31 -19.69
C PHE B 88 -14.67 25.86 -19.82
N GLU B 89 -13.47 25.69 -20.38
CA GLU B 89 -12.91 24.35 -20.56
C GLU B 89 -12.59 23.64 -19.26
N ASP B 90 -12.57 24.38 -18.15
CA ASP B 90 -12.30 23.79 -16.84
C ASP B 90 -13.55 23.16 -16.22
N SER B 91 -14.71 23.37 -16.86
CA SER B 91 -15.95 22.79 -16.38
C SER B 91 -15.82 21.27 -16.55
N ALA B 92 -15.96 20.54 -15.45
CA ALA B 92 -15.83 19.08 -15.46
C ALA B 92 -16.05 18.52 -14.06
N VAL B 93 -15.86 17.21 -13.93
CA VAL B 93 -15.95 16.54 -12.64
C VAL B 93 -14.52 16.18 -12.29
N TYR B 94 -14.10 16.53 -11.08
CA TYR B 94 -12.75 16.27 -10.63
C TYR B 94 -12.77 15.25 -9.50
N TYR B 95 -11.84 14.29 -9.58
CA TYR B 95 -11.74 13.25 -8.57
C TYR B 95 -10.36 13.21 -7.97
N CYS B 96 -10.31 12.86 -6.68
CA CYS B 96 -9.04 12.64 -6.02
C CYS B 96 -9.06 11.13 -5.84
N ALA B 97 -7.87 10.54 -5.74
CA ALA B 97 -7.73 9.11 -5.57
C ALA B 97 -6.38 8.85 -4.92
N ASN B 98 -6.26 7.76 -4.19
CA ASN B 98 -4.98 7.42 -3.57
C ASN B 98 -4.45 6.12 -4.15
N ASP B 99 -3.26 5.71 -3.72
CA ASP B 99 -2.67 4.47 -4.20
C ASP B 99 -2.51 3.44 -3.09
N TYR B 100 -3.46 3.42 -2.16
CA TYR B 100 -3.43 2.47 -1.05
C TYR B 100 -3.91 1.09 -1.48
N ASP B 101 -3.01 0.10 -1.42
CA ASP B 101 -3.30 -1.30 -1.76
C ASP B 101 -4.26 -1.38 -2.95
N GLY B 102 -3.92 -0.65 -4.00
CA GLY B 102 -4.76 -0.57 -5.18
C GLY B 102 -5.09 0.90 -5.33
N VAL B 103 -6.37 1.23 -5.51
CA VAL B 103 -6.80 2.62 -5.68
C VAL B 103 -8.18 2.87 -5.07
N TYR B 104 -8.28 3.92 -4.26
CA TYR B 104 -9.54 4.32 -3.68
C TYR B 104 -9.84 5.66 -4.33
N TRP B 105 -11.10 5.85 -4.73
CA TRP B 105 -11.53 7.09 -5.38
C TRP B 105 -12.44 7.94 -4.50
N GLY B 106 -12.38 9.26 -4.70
CA GLY B 106 -13.27 10.16 -3.99
C GLY B 106 -14.59 10.12 -4.77
N GLN B 107 -15.64 10.74 -4.25
CA GLN B 107 -16.93 10.70 -4.95
C GLN B 107 -17.04 11.67 -6.12
N GLY B 108 -16.09 12.59 -6.23
CA GLY B 108 -16.10 13.56 -7.33
C GLY B 108 -16.70 14.90 -6.98
N THR B 109 -16.18 15.95 -7.61
CA THR B 109 -16.64 17.33 -7.39
C THR B 109 -16.91 17.92 -8.76
N THR B 110 -18.15 18.36 -8.98
CA THR B 110 -18.53 18.96 -10.25
C THR B 110 -18.24 20.46 -10.22
N LEU B 111 -17.53 20.93 -11.23
CA LEU B 111 -17.20 22.34 -11.34
C LEU B 111 -17.81 22.89 -12.61
N THR B 112 -18.55 24.00 -12.47
CA THR B 112 -19.18 24.66 -13.60
C THR B 112 -18.67 26.09 -13.68
N VAL B 113 -18.03 26.43 -14.79
CA VAL B 113 -17.49 27.77 -15.01
C VAL B 113 -18.34 28.47 -16.06
N SER B 114 -18.98 29.56 -15.66
CA SER B 114 -19.83 30.33 -16.57
C SER B 114 -20.01 31.75 -16.09
N SER B 115 -20.18 32.67 -17.03
CA SER B 115 -20.39 34.08 -16.71
C SER B 115 -21.88 34.42 -16.84
N ALA B 116 -22.70 33.40 -17.10
CA ALA B 116 -24.14 33.56 -17.26
C ALA B 116 -24.85 33.90 -15.95
N LYS B 117 -25.90 34.69 -16.05
CA LYS B 117 -26.66 35.06 -14.87
C LYS B 117 -27.93 34.21 -14.84
N THR B 118 -28.53 34.09 -13.66
CA THR B 118 -29.76 33.32 -13.50
C THR B 118 -30.80 33.82 -14.49
N THR B 119 -31.26 32.91 -15.34
CA THR B 119 -32.24 33.25 -16.37
C THR B 119 -33.33 32.18 -16.39
N PRO B 120 -34.60 32.60 -16.26
CA PRO B 120 -35.70 31.63 -16.27
C PRO B 120 -35.91 31.12 -17.69
N PRO B 121 -36.45 29.91 -17.84
CA PRO B 121 -36.69 29.35 -19.17
C PRO B 121 -37.94 29.87 -19.87
N SER B 122 -37.96 29.70 -21.18
CA SER B 122 -39.11 30.04 -21.99
C SER B 122 -39.61 28.63 -22.32
N VAL B 123 -40.89 28.38 -22.07
CA VAL B 123 -41.46 27.06 -22.31
C VAL B 123 -42.38 27.10 -23.51
N TYR B 124 -42.11 26.23 -24.48
CA TYR B 124 -42.90 26.16 -25.70
C TYR B 124 -43.54 24.81 -25.88
N PRO B 125 -44.85 24.79 -26.19
CA PRO B 125 -45.58 23.53 -26.39
C PRO B 125 -45.26 22.97 -27.78
N LEU B 126 -45.14 21.65 -27.86
CA LEU B 126 -44.85 21.00 -29.14
C LEU B 126 -46.02 20.09 -29.47
N ALA B 127 -46.81 20.52 -30.45
CA ALA B 127 -47.97 19.77 -30.91
C ALA B 127 -47.71 19.33 -32.34
N PRO B 128 -48.18 18.12 -32.71
CA PRO B 128 -47.98 17.62 -34.07
C PRO B 128 -48.68 18.51 -35.10
N GLY B 129 -48.06 18.66 -36.27
CA GLY B 129 -48.63 19.47 -37.34
C GLY B 129 -50.06 19.11 -37.67
N SER B 130 -51.00 19.76 -36.99
CA SER B 130 -52.44 19.54 -37.14
C SER B 130 -52.85 18.18 -36.57
N ALA B 131 -52.08 17.16 -36.95
CA ALA B 131 -52.27 15.77 -36.53
C ALA B 131 -51.18 14.94 -37.17
N ALA B 132 -50.49 14.13 -36.37
CA ALA B 132 -49.41 13.28 -36.86
C ALA B 132 -49.94 11.88 -37.24
N GLN B 133 -50.28 11.71 -38.52
CA GLN B 133 -50.81 10.46 -39.07
C GLN B 133 -52.24 10.12 -38.66
N THR B 134 -52.64 10.54 -37.45
CA THR B 134 -53.98 10.33 -36.90
C THR B 134 -54.29 8.95 -36.31
N ASN B 135 -54.43 8.93 -34.99
CA ASN B 135 -54.77 7.74 -34.20
C ASN B 135 -53.73 6.66 -33.88
N SER B 136 -54.01 5.94 -32.78
CA SER B 136 -53.22 4.85 -32.18
C SER B 136 -52.51 5.40 -30.94
N MET B 137 -51.33 5.98 -31.13
CA MET B 137 -50.53 6.57 -30.06
C MET B 137 -50.03 7.91 -30.61
N VAL B 138 -50.08 8.96 -29.80
CA VAL B 138 -49.61 10.26 -30.25
C VAL B 138 -48.54 10.81 -29.31
N THR B 139 -47.53 11.46 -29.88
CA THR B 139 -46.44 12.01 -29.11
C THR B 139 -46.51 13.53 -29.08
N LEU B 140 -46.43 14.07 -27.85
CA LEU B 140 -46.47 15.51 -27.62
C LEU B 140 -45.17 15.89 -26.93
N GLY B 141 -44.82 17.17 -26.97
CA GLY B 141 -43.59 17.59 -26.33
C GLY B 141 -43.64 18.95 -25.67
N CYS B 142 -42.56 19.28 -24.99
CA CYS B 142 -42.42 20.54 -24.30
C CYS B 142 -40.94 20.94 -24.47
N LEU B 143 -40.70 22.13 -25.02
CA LEU B 143 -39.34 22.64 -25.23
C LEU B 143 -39.06 23.68 -24.14
N VAL B 144 -38.01 23.45 -23.36
CA VAL B 144 -37.61 24.35 -22.27
C VAL B 144 -36.29 24.97 -22.71
N LYS B 145 -36.37 26.21 -23.18
CA LYS B 145 -35.20 26.86 -23.75
C LYS B 145 -34.65 28.13 -23.09
N GLY B 146 -33.32 28.21 -23.08
CA GLY B 146 -32.63 29.38 -22.55
C GLY B 146 -32.65 29.66 -21.06
N TYR B 147 -32.37 28.65 -20.24
CA TYR B 147 -32.33 28.85 -18.80
C TYR B 147 -30.93 28.64 -18.24
N PHE B 148 -30.73 29.11 -17.01
CA PHE B 148 -29.46 28.97 -16.31
C PHE B 148 -29.71 29.35 -14.85
N PRO B 149 -29.18 28.55 -13.92
CA PRO B 149 -28.40 27.36 -14.18
C PRO B 149 -29.28 26.12 -14.08
N GLU B 150 -28.65 24.94 -14.18
CA GLU B 150 -29.38 23.69 -14.03
C GLU B 150 -29.72 23.62 -12.54
N PRO B 151 -30.77 22.86 -12.19
CA PRO B 151 -31.60 22.11 -13.14
C PRO B 151 -33.03 22.65 -13.24
N VAL B 152 -33.82 21.97 -14.08
CA VAL B 152 -35.24 22.28 -14.23
C VAL B 152 -35.95 20.96 -14.00
N THR B 153 -37.21 21.03 -13.57
CA THR B 153 -37.98 19.81 -13.38
C THR B 153 -39.16 19.90 -14.33
N VAL B 154 -39.39 18.82 -15.05
CA VAL B 154 -40.50 18.78 -16.00
C VAL B 154 -41.39 17.60 -15.66
N THR B 155 -42.67 17.88 -15.46
CA THR B 155 -43.63 16.82 -15.19
C THR B 155 -44.78 17.01 -16.17
N TRP B 156 -45.58 15.96 -16.32
CA TRP B 156 -46.73 16.00 -17.20
C TRP B 156 -47.98 15.74 -16.37
N ASN B 157 -48.97 16.61 -16.52
CA ASN B 157 -50.24 16.53 -15.78
C ASN B 157 -49.98 16.36 -14.29
N SER B 158 -49.09 17.21 -13.77
CA SER B 158 -48.72 17.22 -12.36
C SER B 158 -48.19 15.90 -11.85
N GLY B 159 -47.56 15.13 -12.73
CA GLY B 159 -47.01 13.84 -12.35
C GLY B 159 -47.92 12.66 -12.60
N SER B 160 -49.16 12.90 -13.02
CA SER B 160 -50.12 11.83 -13.31
C SER B 160 -49.64 10.98 -14.48
N LEU B 161 -49.15 11.65 -15.53
CA LEU B 161 -48.62 10.97 -16.71
C LEU B 161 -47.14 10.69 -16.43
N SER B 162 -46.83 9.46 -16.03
CA SER B 162 -45.44 9.10 -15.73
C SER B 162 -44.87 8.12 -16.75
N SER B 163 -45.72 7.24 -17.28
CA SER B 163 -45.29 6.26 -18.27
C SER B 163 -45.26 6.90 -19.65
N GLY B 164 -44.32 6.46 -20.48
CA GLY B 164 -44.20 6.98 -21.82
C GLY B 164 -43.56 8.36 -21.91
N VAL B 165 -42.89 8.77 -20.85
CA VAL B 165 -42.24 10.07 -20.81
C VAL B 165 -40.74 9.94 -21.04
N HIS B 166 -40.18 10.84 -21.85
CA HIS B 166 -38.74 10.90 -22.10
C HIS B 166 -38.27 12.33 -21.89
N THR B 167 -37.42 12.54 -20.89
CA THR B 167 -36.90 13.88 -20.68
C THR B 167 -35.41 13.81 -21.04
N PHE B 168 -35.04 14.59 -22.04
CA PHE B 168 -33.67 14.58 -22.53
C PHE B 168 -32.71 15.50 -21.79
N PRO B 169 -31.44 15.07 -21.64
CA PRO B 169 -30.40 15.84 -20.96
C PRO B 169 -30.24 17.20 -21.62
N ALA B 170 -30.06 18.23 -20.80
CA ALA B 170 -29.92 19.57 -21.31
C ALA B 170 -28.64 19.76 -22.14
N VAL B 171 -28.74 20.62 -23.14
CA VAL B 171 -27.60 20.94 -23.98
C VAL B 171 -27.34 22.44 -23.84
N LEU B 172 -26.08 22.82 -23.94
CA LEU B 172 -25.70 24.22 -23.80
C LEU B 172 -25.70 24.90 -25.17
N GLN B 173 -26.47 25.97 -25.33
CA GLN B 173 -26.51 26.72 -26.58
C GLN B 173 -26.57 28.21 -26.25
N SER B 174 -25.51 28.92 -26.65
CA SER B 174 -25.38 30.35 -26.41
C SER B 174 -25.23 30.63 -24.90
N ASP B 175 -24.46 29.77 -24.24
CA ASP B 175 -24.20 29.87 -22.80
C ASP B 175 -25.41 29.62 -21.90
N LEU B 176 -26.52 29.18 -22.49
CA LEU B 176 -27.73 28.87 -21.73
C LEU B 176 -28.16 27.44 -22.05
N TYR B 177 -28.91 26.82 -21.15
CA TYR B 177 -29.36 25.45 -21.35
C TYR B 177 -30.69 25.33 -22.07
N THR B 178 -30.84 24.23 -22.80
CA THR B 178 -32.08 23.93 -23.50
C THR B 178 -32.34 22.44 -23.37
N LEU B 179 -33.57 22.08 -23.00
CA LEU B 179 -33.91 20.67 -22.90
C LEU B 179 -35.31 20.47 -23.45
N SER B 180 -35.62 19.22 -23.79
CA SER B 180 -36.91 18.87 -24.33
C SER B 180 -37.45 17.64 -23.60
N SER B 181 -38.77 17.49 -23.64
CA SER B 181 -39.40 16.36 -23.00
C SER B 181 -40.54 15.94 -23.89
N SER B 182 -40.71 14.63 -24.03
CA SER B 182 -41.80 14.11 -24.85
C SER B 182 -42.64 13.17 -24.01
N VAL B 183 -43.92 13.09 -24.36
CA VAL B 183 -44.84 12.18 -23.69
C VAL B 183 -45.68 11.51 -24.77
N THR B 184 -45.92 10.22 -24.62
CA THR B 184 -46.72 9.49 -25.60
C THR B 184 -47.98 8.98 -24.92
N VAL B 185 -49.13 9.29 -25.51
CA VAL B 185 -50.42 8.87 -24.97
C VAL B 185 -51.32 8.32 -26.06
N PRO B 186 -52.35 7.55 -25.66
CA PRO B 186 -53.28 6.96 -26.64
C PRO B 186 -53.97 8.09 -27.40
N SER B 187 -54.15 7.92 -28.70
CA SER B 187 -54.79 8.96 -29.52
C SER B 187 -56.24 9.24 -29.09
N SER B 188 -56.83 8.30 -28.36
CA SER B 188 -58.19 8.45 -27.88
C SER B 188 -58.27 9.32 -26.62
N THR B 189 -57.11 9.78 -26.14
CA THR B 189 -57.08 10.63 -24.93
C THR B 189 -56.78 12.07 -25.26
N TRP B 190 -55.98 12.32 -26.29
CA TRP B 190 -55.64 13.67 -26.71
C TRP B 190 -56.11 13.78 -28.17
N PRO B 191 -56.66 14.95 -28.57
CA PRO B 191 -56.89 16.19 -27.84
C PRO B 191 -58.12 16.26 -26.92
N SER B 192 -58.92 15.20 -26.87
CA SER B 192 -60.12 15.22 -26.02
C SER B 192 -59.81 15.60 -24.58
N GLU B 193 -58.80 14.96 -23.99
CA GLU B 193 -58.39 15.27 -22.63
C GLU B 193 -57.16 16.17 -22.69
N THR B 194 -57.01 17.03 -21.69
CA THR B 194 -55.90 17.96 -21.64
C THR B 194 -54.58 17.34 -21.22
N VAL B 195 -53.50 17.82 -21.85
CA VAL B 195 -52.15 17.37 -21.52
C VAL B 195 -51.36 18.65 -21.30
N THR B 196 -50.73 18.75 -20.13
CA THR B 196 -49.97 19.93 -19.76
C THR B 196 -48.58 19.59 -19.24
N CYS B 197 -47.56 20.34 -19.66
CA CYS B 197 -46.22 20.12 -19.14
C CYS B 197 -45.99 21.19 -18.09
N ASN B 198 -45.57 20.76 -16.91
CA ASN B 198 -45.30 21.63 -15.78
C ASN B 198 -43.80 21.77 -15.67
N VAL B 199 -43.31 23.01 -15.73
CA VAL B 199 -41.87 23.25 -15.66
C VAL B 199 -41.55 24.12 -14.45
N ALA B 200 -40.54 23.70 -13.69
CA ALA B 200 -40.11 24.45 -12.52
C ALA B 200 -38.61 24.70 -12.62
N HIS B 201 -38.21 25.92 -12.32
CA HIS B 201 -36.80 26.29 -12.33
C HIS B 201 -36.53 26.95 -10.98
N PRO B 202 -36.11 26.15 -9.99
CA PRO B 202 -35.82 26.60 -8.63
C PRO B 202 -34.96 27.85 -8.51
N ALA B 203 -33.85 27.90 -9.25
CA ALA B 203 -32.95 29.04 -9.19
C ALA B 203 -33.63 30.39 -9.39
N SER B 204 -34.64 30.44 -10.26
CA SER B 204 -35.35 31.70 -10.51
C SER B 204 -36.76 31.71 -9.95
N SER B 205 -37.09 30.68 -9.17
CA SER B 205 -38.41 30.54 -8.56
C SER B 205 -39.52 30.63 -9.62
N THR B 206 -39.22 30.10 -10.80
CA THR B 206 -40.17 30.11 -11.91
C THR B 206 -40.98 28.81 -11.96
N LYS B 207 -42.28 28.95 -12.16
CA LYS B 207 -43.17 27.79 -12.27
C LYS B 207 -44.15 28.12 -13.37
N VAL B 208 -44.12 27.34 -14.44
CA VAL B 208 -44.99 27.58 -15.58
C VAL B 208 -45.70 26.33 -16.05
N ASP B 209 -46.94 26.51 -16.48
CA ASP B 209 -47.77 25.43 -17.04
C ASP B 209 -48.06 25.78 -18.48
N LYS B 210 -47.94 24.79 -19.35
N LYS B 210 -47.94 24.79 -19.35
CA LYS B 210 -48.23 24.99 -20.77
CA LYS B 210 -48.23 24.99 -20.77
C LYS B 210 -49.04 23.82 -21.30
C LYS B 210 -49.04 23.83 -21.29
N LYS B 211 -50.31 24.07 -21.62
CA LYS B 211 -51.15 23.02 -22.13
C LYS B 211 -50.88 22.87 -23.61
N ILE B 212 -50.84 21.62 -24.05
CA ILE B 212 -50.56 21.28 -25.45
C ILE B 212 -51.86 21.27 -26.24
N VAL B 213 -51.98 22.20 -27.17
CA VAL B 213 -53.18 22.29 -28.01
C VAL B 213 -52.86 21.97 -29.46
N PRO B 214 -53.79 21.30 -30.18
CA PRO B 214 -53.58 20.95 -31.59
C PRO B 214 -53.28 22.14 -32.48
N ARG B 215 -52.76 21.84 -33.68
CA ARG B 215 -52.34 22.81 -34.70
C ARG B 215 -50.90 23.21 -34.40
N ASP B 216 -50.00 22.85 -35.31
CA ASP B 216 -48.57 23.13 -35.17
C ASP B 216 -48.26 24.61 -34.94
N CYS B 217 -48.67 25.45 -35.90
CA CYS B 217 -48.42 26.88 -35.80
C CYS B 217 -47.02 27.27 -36.24
N ASP C 1 34.51 2.58 41.26
CA ASP C 1 34.95 1.64 40.18
C ASP C 1 35.53 2.41 39.01
N VAL C 2 36.53 1.81 38.36
CA VAL C 2 37.16 2.43 37.21
C VAL C 2 36.27 2.20 35.99
N LEU C 3 35.79 3.29 35.41
CA LEU C 3 34.93 3.20 34.21
C LEU C 3 35.78 3.22 32.95
N MET C 4 35.48 2.28 32.05
CA MET C 4 36.20 2.18 30.78
C MET C 4 35.23 2.65 29.71
N THR C 5 35.65 3.65 28.95
CA THR C 5 34.82 4.24 27.90
C THR C 5 35.44 4.07 26.50
N GLN C 6 34.76 3.31 25.66
CA GLN C 6 35.21 3.03 24.29
C GLN C 6 34.47 3.88 23.27
N THR C 7 35.22 4.33 22.27
CA THR C 7 34.70 5.15 21.18
C THR C 7 35.49 4.80 19.92
N PRO C 8 34.76 4.67 18.78
CA PRO C 8 33.29 4.81 18.64
C PRO C 8 32.56 3.54 19.07
N LEU C 9 31.24 3.58 19.06
CA LEU C 9 30.43 2.44 19.44
C LEU C 9 30.41 1.43 18.29
N SER C 10 30.36 1.93 17.06
CA SER C 10 30.36 1.06 15.89
C SER C 10 31.18 1.79 14.85
N LEU C 11 31.88 1.04 14.04
CA LEU C 11 32.75 1.62 13.05
C LEU C 11 32.73 0.92 11.71
N PRO C 12 32.09 1.57 10.73
CA PRO C 12 32.04 1.00 9.38
C PRO C 12 33.46 1.09 8.84
N VAL C 13 33.99 -0.04 8.38
CA VAL C 13 35.35 -0.05 7.84
C VAL C 13 35.44 -0.67 6.45
N SER C 14 36.56 -0.43 5.78
CA SER C 14 36.81 -1.01 4.45
C SER C 14 38.00 -1.94 4.61
N LEU C 15 37.91 -3.11 4.00
CA LEU C 15 38.99 -4.09 4.09
C LEU C 15 40.27 -3.49 3.50
N GLY C 16 41.39 -3.71 4.19
CA GLY C 16 42.66 -3.18 3.74
C GLY C 16 43.01 -1.80 4.27
N ASP C 17 42.06 -1.13 4.91
CA ASP C 17 42.30 0.19 5.46
C ASP C 17 42.88 0.09 6.87
N GLN C 18 43.39 1.21 7.38
CA GLN C 18 43.94 1.27 8.73
C GLN C 18 42.89 1.87 9.65
N VAL C 19 42.66 1.21 10.78
CA VAL C 19 41.67 1.68 11.74
C VAL C 19 42.25 1.72 13.14
N SER C 20 41.73 2.65 13.95
N SER C 20 41.72 2.64 13.95
CA SER C 20 42.17 2.79 15.33
CA SER C 20 42.17 2.81 15.33
C SER C 20 40.96 2.92 16.25
C SER C 20 40.95 2.94 16.25
N ILE C 21 40.99 2.22 17.37
CA ILE C 21 39.90 2.24 18.34
C ILE C 21 40.45 2.83 19.63
N SER C 22 39.62 3.59 20.35
CA SER C 22 40.03 4.23 21.59
C SER C 22 39.35 3.69 22.83
N CYS C 23 40.09 3.67 23.94
CA CYS C 23 39.59 3.21 25.23
C CYS C 23 40.17 4.12 26.31
N ARG C 24 39.30 4.76 27.07
CA ARG C 24 39.72 5.67 28.13
C ARG C 24 39.20 5.23 29.50
N SER C 25 40.05 5.35 30.51
CA SER C 25 39.68 4.98 31.87
C SER C 25 39.41 6.23 32.71
N SER C 26 38.48 6.13 33.65
CA SER C 26 38.10 7.25 34.52
C SER C 26 39.25 7.71 35.43
N GLN C 27 40.25 6.86 35.58
CA GLN C 27 41.42 7.17 36.40
C GLN C 27 42.58 6.29 35.94
N SER C 28 43.78 6.64 36.38
CA SER C 28 44.97 5.90 35.99
C SER C 28 44.91 4.43 36.31
N ILE C 29 45.34 3.61 35.36
CA ILE C 29 45.36 2.17 35.57
C ILE C 29 46.79 1.67 35.69
N PHE C 30 47.65 2.55 36.19
CA PHE C 30 49.04 2.19 36.42
C PHE C 30 48.98 1.37 37.70
N HIS C 31 49.76 0.30 37.78
CA HIS C 31 49.78 -0.55 38.97
C HIS C 31 51.11 -0.38 39.71
N SER C 32 51.08 -0.59 41.03
CA SER C 32 52.25 -0.43 41.88
C SER C 32 53.49 -1.25 41.52
N ASP C 33 53.33 -2.25 40.68
CA ASP C 33 54.47 -3.05 40.26
C ASP C 33 55.12 -2.46 39.01
N GLY C 34 54.71 -1.25 38.65
CA GLY C 34 55.27 -0.56 37.50
C GLY C 34 54.69 -0.96 36.15
N LYS C 35 53.65 -1.79 36.16
CA LYS C 35 53.02 -2.23 34.91
C LYS C 35 51.59 -1.71 34.80
N THR C 36 51.12 -1.57 33.57
CA THR C 36 49.76 -1.08 33.30
C THR C 36 48.99 -2.24 32.71
N TYR C 37 47.99 -2.70 33.45
CA TYR C 37 47.21 -3.86 33.04
C TYR C 37 46.01 -3.57 32.15
N LEU C 38 46.28 -3.23 30.90
CA LEU C 38 45.22 -2.96 29.93
C LEU C 38 45.24 -4.03 28.85
N GLU C 39 44.08 -4.61 28.59
CA GLU C 39 43.93 -5.66 27.60
C GLU C 39 42.90 -5.33 26.54
N TRP C 40 43.07 -5.92 25.37
CA TRP C 40 42.14 -5.77 24.26
C TRP C 40 41.71 -7.19 23.86
N HIS C 41 40.40 -7.42 23.81
CA HIS C 41 39.86 -8.72 23.41
C HIS C 41 38.95 -8.54 22.20
N LEU C 42 38.81 -9.60 21.43
CA LEU C 42 37.94 -9.59 20.26
C LEU C 42 36.94 -10.72 20.39
N GLN C 43 35.67 -10.40 20.20
CA GLN C 43 34.61 -11.41 20.27
C GLN C 43 33.76 -11.42 19.01
N LYS C 44 33.72 -12.58 18.37
CA LYS C 44 32.91 -12.78 17.18
C LYS C 44 31.58 -13.36 17.65
N PRO C 45 30.48 -13.11 16.92
CA PRO C 45 29.17 -13.64 17.32
C PRO C 45 29.16 -15.15 17.52
N GLY C 46 28.56 -15.59 18.63
CA GLY C 46 28.46 -17.01 18.93
C GLY C 46 29.72 -17.66 19.49
N GLN C 47 30.79 -16.88 19.61
CA GLN C 47 32.06 -17.40 20.14
C GLN C 47 32.46 -16.68 21.43
N SER C 48 33.41 -17.29 22.14
CA SER C 48 33.91 -16.70 23.36
C SER C 48 34.93 -15.64 22.92
N PRO C 49 35.26 -14.68 23.80
CA PRO C 49 36.24 -13.65 23.45
C PRO C 49 37.62 -14.27 23.31
N LYS C 50 38.51 -13.56 22.62
CA LYS C 50 39.88 -14.01 22.42
C LYS C 50 40.78 -12.82 22.73
N LEU C 51 41.86 -13.05 23.50
CA LEU C 51 42.78 -11.99 23.84
C LEU C 51 43.63 -11.60 22.63
N LEU C 52 43.81 -10.31 22.42
CA LEU C 52 44.63 -9.81 21.33
C LEU C 52 45.91 -9.20 21.89
N ILE C 53 45.74 -8.24 22.80
CA ILE C 53 46.86 -7.51 23.39
C ILE C 53 46.71 -7.36 24.89
N TYR C 54 47.82 -7.51 25.62
CA TYR C 54 47.80 -7.35 27.07
C TYR C 54 48.95 -6.46 27.52
N LYS C 55 48.87 -5.93 28.74
CA LYS C 55 49.90 -5.03 29.27
C LYS C 55 50.13 -3.88 28.29
N VAL C 56 49.01 -3.36 27.77
CA VAL C 56 49.00 -2.24 26.82
C VAL C 56 49.50 -2.49 25.41
N SER C 57 50.66 -3.12 25.27
CA SER C 57 51.23 -3.33 23.95
C SER C 57 51.73 -4.73 23.61
N LYS C 58 51.62 -5.66 24.54
CA LYS C 58 52.09 -7.02 24.29
C LYS C 58 51.07 -7.85 23.50
N ARG C 59 51.53 -8.42 22.40
CA ARG C 59 50.68 -9.23 21.55
C ARG C 59 50.61 -10.66 22.07
N PHE C 60 49.39 -11.17 22.23
CA PHE C 60 49.17 -12.53 22.71
C PHE C 60 49.65 -13.52 21.66
N SER C 61 49.96 -14.75 22.09
CA SER C 61 50.44 -15.80 21.18
C SER C 61 49.50 -16.04 19.99
N GLY C 62 50.06 -15.99 18.78
CA GLY C 62 49.28 -16.23 17.59
C GLY C 62 48.61 -15.03 16.94
N VAL C 63 48.56 -13.91 17.66
CA VAL C 63 47.95 -12.69 17.15
C VAL C 63 48.85 -12.04 16.09
N PRO C 64 48.30 -11.76 14.90
CA PRO C 64 49.00 -11.14 13.77
C PRO C 64 49.62 -9.80 14.12
N ASP C 65 50.76 -9.49 13.49
CA ASP C 65 51.46 -8.24 13.73
C ASP C 65 50.72 -6.99 13.25
N ARG C 66 49.59 -7.17 12.56
CA ARG C 66 48.83 -6.02 12.10
C ARG C 66 48.12 -5.33 13.27
N PHE C 67 48.06 -6.02 14.41
CA PHE C 67 47.44 -5.48 15.61
C PHE C 67 48.54 -4.86 16.49
N SER C 68 48.33 -3.61 16.90
N SER C 68 48.33 -3.61 16.90
CA SER C 68 49.28 -2.90 17.74
CA SER C 68 49.29 -2.92 17.75
C SER C 68 48.54 -2.10 18.80
C SER C 68 48.54 -2.10 18.81
N GLY C 69 49.11 -2.04 20.01
CA GLY C 69 48.47 -1.30 21.08
C GLY C 69 49.40 -0.26 21.66
N SER C 70 48.85 0.86 22.09
CA SER C 70 49.67 1.91 22.69
C SER C 70 48.87 2.69 23.71
N GLY C 71 49.55 3.61 24.41
CA GLY C 71 48.89 4.43 25.40
C GLY C 71 49.53 4.36 26.77
N SER C 72 49.00 5.17 27.69
CA SER C 72 49.49 5.23 29.06
C SER C 72 48.56 6.05 29.93
N GLY C 73 48.49 5.69 31.21
CA GLY C 73 47.63 6.42 32.14
C GLY C 73 46.15 6.17 31.98
N THR C 74 45.48 7.02 31.20
CA THR C 74 44.04 6.90 31.00
C THR C 74 43.56 6.84 29.55
N ASP C 75 44.48 7.01 28.60
CA ASP C 75 44.13 6.99 27.17
C ASP C 75 44.87 5.87 26.44
N PHE C 76 44.10 4.95 25.85
CA PHE C 76 44.68 3.82 25.14
C PHE C 76 44.11 3.66 23.74
N THR C 77 44.90 3.09 22.85
CA THR C 77 44.48 2.91 21.48
C THR C 77 44.92 1.59 20.87
N LEU C 78 44.01 0.96 20.14
CA LEU C 78 44.29 -0.28 19.44
C LEU C 78 44.31 0.09 17.95
N LYS C 79 45.33 -0.34 17.24
CA LYS C 79 45.43 -0.04 15.81
C LYS C 79 45.57 -1.32 15.00
N ILE C 80 44.81 -1.39 13.91
CA ILE C 80 44.86 -2.52 13.00
C ILE C 80 45.40 -1.92 11.70
N SER C 81 46.62 -2.32 11.32
CA SER C 81 47.29 -1.78 10.13
C SER C 81 46.56 -1.97 8.80
N ARG C 82 46.03 -3.17 8.58
CA ARG C 82 45.30 -3.49 7.36
C ARG C 82 44.19 -4.47 7.73
N VAL C 83 43.00 -3.93 7.99
CA VAL C 83 41.84 -4.73 8.38
C VAL C 83 41.50 -5.85 7.41
N GLU C 84 41.26 -7.04 7.96
CA GLU C 84 40.87 -8.20 7.17
C GLU C 84 39.50 -8.69 7.62
N ALA C 85 38.85 -9.51 6.79
CA ALA C 85 37.52 -10.03 7.08
C ALA C 85 37.42 -10.71 8.44
N GLU C 86 38.46 -11.45 8.81
CA GLU C 86 38.49 -12.16 10.08
C GLU C 86 38.64 -11.25 11.31
N ASP C 87 38.84 -9.96 11.09
CA ASP C 87 39.00 -9.01 12.19
C ASP C 87 37.67 -8.40 12.62
N LEU C 88 36.61 -8.70 11.87
CA LEU C 88 35.30 -8.14 12.18
C LEU C 88 34.70 -8.77 13.43
N GLY C 89 34.12 -7.93 14.28
CA GLY C 89 33.54 -8.40 15.52
C GLY C 89 33.48 -7.27 16.53
N VAL C 90 33.34 -7.62 17.81
CA VAL C 90 33.27 -6.60 18.84
C VAL C 90 34.58 -6.58 19.63
N TYR C 91 35.17 -5.41 19.77
CA TYR C 91 36.42 -5.23 20.50
C TYR C 91 36.15 -4.65 21.88
N TYR C 92 36.71 -5.28 22.91
CA TYR C 92 36.53 -4.84 24.29
C TYR C 92 37.87 -4.55 24.96
N CYS C 93 37.96 -3.44 25.66
CA CYS C 93 39.19 -3.16 26.41
C CYS C 93 38.85 -3.55 27.85
N PHE C 94 39.88 -3.90 28.62
CA PHE C 94 39.68 -4.35 30.00
C PHE C 94 40.84 -3.85 30.86
N GLN C 95 40.54 -3.45 32.10
CA GLN C 95 41.60 -3.02 33.01
C GLN C 95 41.68 -4.00 34.19
N GLY C 96 42.89 -4.48 34.45
CA GLY C 96 43.09 -5.42 35.55
C GLY C 96 44.00 -4.84 36.62
N SER C 97 43.99 -3.52 36.74
N SER C 97 44.00 -3.52 36.74
CA SER C 97 44.83 -2.82 37.70
CA SER C 97 44.84 -2.84 37.72
C SER C 97 44.15 -2.59 39.04
C SER C 97 44.15 -2.59 39.04
N HIS C 98 42.88 -2.19 38.99
CA HIS C 98 42.13 -1.90 40.20
C HIS C 98 40.86 -2.72 40.34
N VAL C 99 40.67 -3.32 41.52
CA VAL C 99 39.49 -4.11 41.81
C VAL C 99 38.32 -3.17 42.10
N PRO C 100 37.14 -3.45 41.55
CA PRO C 100 36.82 -4.57 40.66
C PRO C 100 37.28 -4.32 39.22
N TYR C 101 37.82 -5.37 38.58
CA TYR C 101 38.28 -5.27 37.21
C TYR C 101 37.09 -4.95 36.32
N THR C 102 37.28 -4.08 35.33
CA THR C 102 36.17 -3.67 34.48
C THR C 102 36.46 -3.70 32.98
N PHE C 103 35.38 -3.81 32.21
CA PHE C 103 35.44 -3.86 30.75
C PHE C 103 34.79 -2.61 30.17
N GLY C 104 35.20 -2.28 28.95
CA GLY C 104 34.60 -1.16 28.25
C GLY C 104 33.31 -1.68 27.62
N GLY C 105 32.52 -0.78 27.05
CA GLY C 105 31.26 -1.18 26.44
C GLY C 105 31.34 -1.89 25.10
N GLY C 106 32.53 -1.89 24.50
CA GLY C 106 32.70 -2.54 23.22
C GLY C 106 32.54 -1.65 22.00
N THR C 107 33.32 -1.96 20.97
CA THR C 107 33.29 -1.26 19.69
C THR C 107 33.07 -2.32 18.62
N LYS C 108 31.99 -2.17 17.84
CA LYS C 108 31.70 -3.14 16.81
C LYS C 108 32.16 -2.69 15.43
N LEU C 109 32.94 -3.54 14.77
CA LEU C 109 33.43 -3.24 13.42
C LEU C 109 32.55 -3.94 12.40
N GLU C 110 32.05 -3.18 11.43
CA GLU C 110 31.20 -3.73 10.39
C GLU C 110 31.72 -3.27 9.02
N ILE C 111 31.29 -3.93 7.96
CA ILE C 111 31.71 -3.59 6.60
C ILE C 111 30.90 -2.42 6.05
N LYS C 112 31.59 -1.43 5.50
CA LYS C 112 30.92 -0.28 4.91
C LYS C 112 30.57 -0.66 3.48
N ARG C 113 29.39 -0.25 3.04
CA ARG C 113 28.93 -0.51 1.67
C ARG C 113 27.93 0.56 1.29
N ALA C 114 27.46 0.53 0.04
CA ALA C 114 26.49 1.51 -0.42
C ALA C 114 25.15 1.30 0.28
N ASP C 115 24.38 2.37 0.37
CA ASP C 115 23.06 2.32 1.00
C ASP C 115 22.14 1.38 0.21
N ALA C 116 21.17 0.80 0.90
CA ALA C 116 20.22 -0.09 0.26
C ALA C 116 18.89 -0.01 0.98
N ALA C 117 17.83 0.26 0.21
CA ALA C 117 16.49 0.36 0.78
C ALA C 117 15.99 -1.04 1.12
N PRO C 118 15.24 -1.16 2.22
CA PRO C 118 14.73 -2.48 2.61
C PRO C 118 13.62 -2.96 1.68
N THR C 119 13.54 -4.27 1.51
CA THR C 119 12.48 -4.89 0.71
C THR C 119 11.48 -5.27 1.80
N VAL C 120 10.31 -4.64 1.79
CA VAL C 120 9.30 -4.89 2.81
C VAL C 120 8.17 -5.82 2.37
N SER C 121 7.86 -6.78 3.24
CA SER C 121 6.79 -7.74 2.98
C SER C 121 5.94 -7.80 4.25
N ILE C 122 4.62 -7.81 4.07
CA ILE C 122 3.71 -7.89 5.20
C ILE C 122 2.83 -9.13 5.04
N PHE C 123 2.56 -9.80 6.16
CA PHE C 123 1.76 -11.03 6.13
C PHE C 123 0.63 -11.05 7.14
N PRO C 124 -0.62 -11.26 6.67
CA PRO C 124 -1.78 -11.31 7.56
C PRO C 124 -1.66 -12.62 8.35
N PRO C 125 -2.37 -12.75 9.48
CA PRO C 125 -2.31 -13.97 10.28
C PRO C 125 -2.70 -15.20 9.46
N SER C 126 -2.09 -16.34 9.76
CA SER C 126 -2.42 -17.57 9.04
C SER C 126 -3.76 -18.08 9.54
N SER C 127 -4.47 -18.82 8.70
CA SER C 127 -5.77 -19.36 9.06
C SER C 127 -5.68 -20.21 10.32
N GLU C 128 -4.68 -21.08 10.36
CA GLU C 128 -4.46 -21.96 11.50
C GLU C 128 -4.29 -21.23 12.83
N GLN C 129 -3.56 -20.13 12.84
CA GLN C 129 -3.35 -19.38 14.08
C GLN C 129 -4.63 -18.76 14.62
N LEU C 130 -5.47 -18.24 13.72
CA LEU C 130 -6.73 -17.62 14.11
C LEU C 130 -7.65 -18.54 14.90
N THR C 131 -7.67 -19.82 14.53
CA THR C 131 -8.51 -20.81 15.20
C THR C 131 -8.15 -21.06 16.66
N SER C 132 -7.02 -20.50 17.11
CA SER C 132 -6.60 -20.66 18.50
C SER C 132 -6.83 -19.39 19.32
N GLY C 133 -7.41 -18.38 18.68
CA GLY C 133 -7.69 -17.12 19.34
C GLY C 133 -6.55 -16.12 19.30
N GLY C 134 -5.58 -16.37 18.42
CA GLY C 134 -4.43 -15.48 18.30
C GLY C 134 -4.25 -14.94 16.91
N ALA C 135 -3.65 -13.75 16.81
CA ALA C 135 -3.44 -13.13 15.51
C ALA C 135 -2.12 -12.36 15.46
N SER C 136 -1.14 -12.94 14.78
CA SER C 136 0.16 -12.30 14.64
C SER C 136 0.31 -11.75 13.23
N VAL C 137 0.63 -10.48 13.13
CA VAL C 137 0.84 -9.84 11.84
C VAL C 137 2.35 -9.68 11.74
N VAL C 138 2.93 -10.19 10.65
CA VAL C 138 4.37 -10.14 10.47
C VAL C 138 4.85 -9.28 9.32
N CYS C 139 5.90 -8.51 9.59
CA CYS C 139 6.50 -7.63 8.59
C CYS C 139 7.99 -7.90 8.51
N PHE C 140 8.48 -8.21 7.32
CA PHE C 140 9.92 -8.43 7.13
C PHE C 140 10.47 -7.22 6.40
N LEU C 141 11.61 -6.72 6.88
CA LEU C 141 12.29 -5.60 6.26
C LEU C 141 13.68 -6.16 5.98
N ASN C 142 13.86 -6.64 4.75
CA ASN C 142 15.08 -7.32 4.35
C ASN C 142 16.11 -6.61 3.49
N ASN C 143 17.37 -7.00 3.72
CA ASN C 143 18.55 -6.53 3.00
C ASN C 143 18.68 -5.03 2.82
N PHE C 144 18.84 -4.33 3.95
CA PHE C 144 19.00 -2.88 3.90
C PHE C 144 20.31 -2.45 4.53
N TYR C 145 20.71 -1.22 4.22
CA TYR C 145 21.94 -0.63 4.75
C TYR C 145 21.81 0.88 4.63
N PRO C 146 22.19 1.64 5.67
CA PRO C 146 22.75 1.20 6.96
C PRO C 146 21.70 0.55 7.87
N LYS C 147 22.16 0.05 9.02
CA LYS C 147 21.29 -0.64 9.98
C LYS C 147 20.23 0.21 10.68
N ASP C 148 20.47 1.52 10.77
CA ASP C 148 19.51 2.41 11.42
C ASP C 148 18.20 2.47 10.65
N ILE C 149 17.11 2.10 11.33
CA ILE C 149 15.80 2.07 10.71
C ILE C 149 14.74 2.15 11.81
N ASN C 150 13.63 2.82 11.51
CA ASN C 150 12.54 2.94 12.47
C ASN C 150 11.28 2.32 11.90
N VAL C 151 10.73 1.35 12.62
CA VAL C 151 9.52 0.67 12.18
C VAL C 151 8.34 0.99 13.09
N LYS C 152 7.22 1.34 12.47
CA LYS C 152 6.01 1.66 13.19
C LYS C 152 4.84 0.87 12.62
N TRP C 153 3.93 0.48 13.50
CA TRP C 153 2.74 -0.23 13.09
C TRP C 153 1.56 0.73 13.19
N LYS C 154 0.77 0.80 12.14
CA LYS C 154 -0.39 1.68 12.12
C LYS C 154 -1.63 0.89 11.78
N ILE C 155 -2.60 0.93 12.68
CA ILE C 155 -3.86 0.21 12.51
C ILE C 155 -4.98 1.22 12.32
N ASP C 156 -5.63 1.18 11.15
CA ASP C 156 -6.69 2.11 10.82
C ASP C 156 -6.19 3.55 10.95
N GLY C 157 -4.91 3.75 10.65
CA GLY C 157 -4.32 5.08 10.73
C GLY C 157 -3.73 5.47 12.07
N SER C 158 -3.97 4.65 13.10
CA SER C 158 -3.45 4.94 14.44
C SER C 158 -2.23 4.08 14.76
N GLU C 159 -1.21 4.72 15.33
CA GLU C 159 0.02 4.02 15.69
C GLU C 159 -0.19 3.08 16.89
N ARG C 160 0.26 1.84 16.74
CA ARG C 160 0.15 0.84 17.79
C ARG C 160 1.56 0.45 18.24
N GLN C 161 1.88 0.72 19.49
CA GLN C 161 3.20 0.40 20.03
C GLN C 161 3.23 -0.80 20.97
N ASN C 162 2.08 -1.17 21.51
CA ASN C 162 2.00 -2.31 22.43
C ASN C 162 1.78 -3.61 21.66
N GLY C 163 2.49 -4.65 22.07
CA GLY C 163 2.36 -5.94 21.42
C GLY C 163 3.33 -6.15 20.27
N VAL C 164 4.25 -5.20 20.08
CA VAL C 164 5.23 -5.28 19.00
C VAL C 164 6.55 -5.93 19.44
N LEU C 165 6.99 -6.93 18.68
CA LEU C 165 8.24 -7.63 18.95
C LEU C 165 9.14 -7.57 17.72
N ASN C 166 10.34 -7.03 17.92
CA ASN C 166 11.31 -6.87 16.85
C ASN C 166 12.55 -7.74 17.03
N SER C 167 13.13 -8.15 15.90
CA SER C 167 14.35 -8.95 15.92
C SER C 167 15.19 -8.59 14.70
N TRP C 168 16.50 -8.47 14.91
CA TRP C 168 17.44 -8.11 13.84
C TRP C 168 18.49 -9.19 13.63
N THR C 169 18.98 -9.30 12.40
CA THR C 169 20.04 -10.25 12.10
C THR C 169 21.36 -9.46 12.11
N ASP C 170 22.48 -10.17 12.15
CA ASP C 170 23.79 -9.53 12.10
C ASP C 170 24.06 -9.17 10.64
N GLN C 171 25.15 -8.46 10.39
CA GLN C 171 25.49 -8.11 9.01
C GLN C 171 25.71 -9.38 8.20
N ASP C 172 25.05 -9.47 7.05
CA ASP C 172 25.14 -10.62 6.17
C ASP C 172 26.54 -10.74 5.58
N SER C 173 27.11 -11.96 5.60
CA SER C 173 28.45 -12.19 5.08
C SER C 173 28.58 -12.05 3.58
N LYS C 174 27.48 -12.24 2.85
CA LYS C 174 27.49 -12.14 1.39
C LYS C 174 27.32 -10.73 0.82
N ASP C 175 26.30 -10.00 1.26
CA ASP C 175 26.07 -8.66 0.76
C ASP C 175 26.22 -7.50 1.76
N SER C 176 26.62 -7.83 2.98
CA SER C 176 26.85 -6.84 4.04
C SER C 176 25.62 -6.04 4.46
N THR C 177 24.42 -6.57 4.19
CA THR C 177 23.20 -5.87 4.58
C THR C 177 22.65 -6.41 5.89
N TYR C 178 21.63 -5.72 6.39
CA TYR C 178 20.96 -6.10 7.63
C TYR C 178 19.50 -6.42 7.30
N SER C 179 18.87 -7.21 8.14
CA SER C 179 17.45 -7.56 7.98
C SER C 179 16.79 -7.46 9.33
N MET C 180 15.48 -7.24 9.32
CA MET C 180 14.72 -7.10 10.54
C MET C 180 13.34 -7.73 10.37
N SER C 181 12.80 -8.23 11.48
CA SER C 181 11.47 -8.83 11.50
C SER C 181 10.70 -8.10 12.59
N SER C 182 9.47 -7.71 12.28
CA SER C 182 8.65 -7.01 13.26
C SER C 182 7.31 -7.73 13.30
N THR C 183 6.92 -8.17 14.49
CA THR C 183 5.67 -8.90 14.67
C THR C 183 4.71 -8.18 15.62
N LEU C 184 3.48 -8.03 15.15
CA LEU C 184 2.43 -7.39 15.93
C LEU C 184 1.48 -8.51 16.35
N THR C 185 1.41 -8.77 17.65
CA THR C 185 0.54 -9.82 18.16
C THR C 185 -0.71 -9.27 18.81
N LEU C 186 -1.86 -9.72 18.31
CA LEU C 186 -3.15 -9.28 18.82
C LEU C 186 -4.03 -10.50 19.11
N THR C 187 -5.16 -10.24 19.75
CA THR C 187 -6.13 -11.30 20.03
C THR C 187 -6.96 -11.41 18.75
N LYS C 188 -7.60 -12.56 18.55
CA LYS C 188 -8.43 -12.77 17.36
C LYS C 188 -9.51 -11.69 17.28
N ASP C 189 -10.06 -11.35 18.44
CA ASP C 189 -11.09 -10.33 18.54
C ASP C 189 -10.56 -8.96 18.14
N GLU C 190 -9.43 -8.57 18.73
CA GLU C 190 -8.80 -7.27 18.44
C GLU C 190 -8.55 -7.11 16.94
N TYR C 191 -8.03 -8.17 16.33
CA TYR C 191 -7.72 -8.18 14.90
C TYR C 191 -8.98 -7.93 14.06
N GLU C 192 -10.10 -8.50 14.47
CA GLU C 192 -11.37 -8.34 13.76
C GLU C 192 -12.03 -6.97 13.94
N ARG C 193 -11.57 -6.20 14.93
CA ARG C 193 -12.13 -4.88 15.19
C ARG C 193 -11.52 -3.81 14.29
N HIS C 194 -10.57 -4.20 13.44
CA HIS C 194 -9.89 -3.26 12.56
C HIS C 194 -9.76 -3.77 11.14
N ASN C 195 -9.54 -2.84 10.20
CA ASN C 195 -9.43 -3.20 8.79
C ASN C 195 -8.09 -2.93 8.14
N SER C 196 -7.52 -1.76 8.39
CA SER C 196 -6.24 -1.36 7.80
C SER C 196 -5.01 -1.64 8.65
N TYR C 197 -4.09 -2.45 8.12
CA TYR C 197 -2.85 -2.77 8.82
C TYR C 197 -1.65 -2.30 8.01
N THR C 198 -0.84 -1.45 8.62
CA THR C 198 0.32 -0.90 7.94
C THR C 198 1.63 -1.06 8.70
N CYS C 199 2.64 -1.52 7.99
CA CYS C 199 4.00 -1.66 8.52
C CYS C 199 4.73 -0.52 7.83
N GLU C 200 5.16 0.46 8.61
CA GLU C 200 5.83 1.65 8.12
C GLU C 200 7.28 1.72 8.57
N ALA C 201 8.17 1.96 7.61
CA ALA C 201 9.59 2.07 7.88
C ALA C 201 10.13 3.42 7.46
N THR C 202 10.98 3.98 8.30
CA THR C 202 11.64 5.25 8.02
C THR C 202 13.11 4.88 7.88
N HIS C 203 13.68 5.14 6.71
CA HIS C 203 15.07 4.81 6.43
C HIS C 203 15.70 5.92 5.61
N LYS C 204 17.01 6.06 5.75
CA LYS C 204 17.81 7.07 5.05
C LYS C 204 17.64 7.05 3.53
N THR C 205 17.38 5.86 2.98
CA THR C 205 17.24 5.66 1.54
C THR C 205 15.97 6.18 0.87
N SER C 206 15.05 6.73 1.64
CA SER C 206 13.81 7.24 1.05
C SER C 206 13.35 8.48 1.80
N THR C 207 12.90 9.48 1.05
CA THR C 207 12.42 10.72 1.65
C THR C 207 11.13 10.42 2.42
N SER C 208 10.17 9.82 1.74
CA SER C 208 8.89 9.48 2.35
C SER C 208 8.94 8.08 2.98
N PRO C 209 7.98 7.77 3.86
CA PRO C 209 7.97 6.46 4.52
C PRO C 209 7.86 5.30 3.52
N ILE C 210 8.49 4.19 3.86
CA ILE C 210 8.46 2.98 3.04
C ILE C 210 7.39 2.13 3.71
N VAL C 211 6.32 1.84 2.99
CA VAL C 211 5.21 1.09 3.57
C VAL C 211 4.66 -0.09 2.77
N LYS C 212 3.99 -0.97 3.51
CA LYS C 212 3.33 -2.14 2.95
C LYS C 212 2.10 -2.31 3.84
N SER C 213 0.94 -2.49 3.21
CA SER C 213 -0.30 -2.62 3.95
C SER C 213 -1.21 -3.68 3.35
N PHE C 214 -2.27 -3.98 4.09
CA PHE C 214 -3.29 -4.94 3.65
C PHE C 214 -4.56 -4.66 4.44
N ASN C 215 -5.68 -5.08 3.88
CA ASN C 215 -6.98 -4.93 4.53
C ASN C 215 -7.43 -6.33 4.94
N ARG C 216 -8.13 -6.41 6.07
CA ARG C 216 -8.62 -7.67 6.61
C ARG C 216 -9.64 -8.43 5.74
N ASN C 217 -10.10 -7.82 4.65
CA ASN C 217 -11.08 -8.47 3.78
C ASN C 217 -10.73 -8.53 2.28
N ALA C 218 -10.06 -9.61 1.87
CA ALA C 218 -9.67 -9.82 0.48
C ALA C 218 -8.91 -11.12 0.29
N GLU D 1 48.51 -28.12 23.99
CA GLU D 1 47.73 -26.84 23.90
C GLU D 1 46.97 -26.60 25.20
N ILE D 2 46.73 -25.33 25.50
CA ILE D 2 46.01 -24.96 26.70
C ILE D 2 44.51 -24.90 26.42
N GLN D 3 43.72 -25.58 27.25
CA GLN D 3 42.27 -25.58 27.07
C GLN D 3 41.50 -25.44 28.38
N LEU D 4 40.43 -24.66 28.33
CA LEU D 4 39.55 -24.48 29.47
C LEU D 4 38.19 -24.96 28.95
N GLN D 5 37.75 -26.11 29.42
CA GLN D 5 36.48 -26.69 28.98
C GLN D 5 35.41 -26.55 30.04
N GLN D 6 34.34 -25.84 29.68
CA GLN D 6 33.24 -25.61 30.60
C GLN D 6 32.12 -26.61 30.42
N SER D 7 31.28 -26.76 31.46
CA SER D 7 30.15 -27.68 31.39
C SER D 7 29.08 -27.14 30.44
N GLY D 8 28.20 -28.03 29.98
CA GLY D 8 27.16 -27.65 29.05
C GLY D 8 26.10 -26.70 29.56
N PRO D 9 25.17 -26.27 28.70
CA PRO D 9 24.07 -25.35 29.05
C PRO D 9 23.22 -25.87 30.20
N GLU D 10 22.76 -24.95 31.03
CA GLU D 10 21.93 -25.30 32.18
C GLU D 10 20.60 -24.58 32.18
N LEU D 11 19.55 -25.32 32.53
CA LEU D 11 18.20 -24.79 32.64
C LEU D 11 17.80 -25.09 34.09
N VAL D 12 17.59 -24.04 34.87
CA VAL D 12 17.24 -24.20 36.28
C VAL D 12 16.09 -23.29 36.72
N LYS D 13 15.38 -23.73 37.75
CA LYS D 13 14.25 -22.97 38.28
C LYS D 13 14.73 -21.86 39.21
N PRO D 14 13.97 -20.76 39.31
CA PRO D 14 14.33 -19.64 40.19
C PRO D 14 14.39 -20.11 41.64
N GLY D 15 15.34 -19.58 42.40
CA GLY D 15 15.47 -19.96 43.80
C GLY D 15 16.41 -21.12 44.07
N ALA D 16 16.77 -21.85 43.03
CA ALA D 16 17.68 -22.98 43.17
C ALA D 16 19.13 -22.51 43.00
N SER D 17 20.04 -23.46 42.92
CA SER D 17 21.44 -23.15 42.75
C SER D 17 21.98 -23.97 41.60
N VAL D 18 23.17 -23.60 41.13
CA VAL D 18 23.77 -24.33 40.02
C VAL D 18 25.29 -24.25 40.13
N LYS D 19 25.95 -25.27 39.61
CA LYS D 19 27.41 -25.35 39.60
C LYS D 19 27.90 -25.40 38.15
N VAL D 20 28.81 -24.49 37.82
CA VAL D 20 29.42 -24.42 36.49
C VAL D 20 30.85 -24.89 36.68
N SER D 21 31.30 -25.79 35.82
N SER D 21 31.30 -25.79 35.82
CA SER D 21 32.66 -26.34 35.90
CA SER D 21 32.65 -26.34 35.88
C SER D 21 33.56 -25.74 34.81
C SER D 21 33.56 -25.74 34.81
N CYS D 22 34.85 -25.69 35.11
CA CYS D 22 35.85 -25.16 34.18
C CYS D 22 37.09 -26.05 34.32
N LYS D 23 37.17 -27.04 33.44
CA LYS D 23 38.28 -27.99 33.45
C LYS D 23 39.48 -27.46 32.67
N ALA D 24 40.63 -27.43 33.31
CA ALA D 24 41.85 -26.93 32.67
C ALA D 24 42.81 -28.04 32.28
N SER D 25 43.46 -27.86 31.14
CA SER D 25 44.45 -28.83 30.67
C SER D 25 45.55 -28.13 29.88
N GLY D 26 46.72 -28.77 29.83
CA GLY D 26 47.83 -28.20 29.09
C GLY D 26 48.83 -27.34 29.84
N TYR D 27 48.61 -27.12 31.13
CA TYR D 27 49.52 -26.30 31.92
C TYR D 27 49.39 -26.59 33.41
N SER D 28 50.25 -25.98 34.22
CA SER D 28 50.20 -26.18 35.67
C SER D 28 49.06 -25.38 36.30
N PHE D 29 47.90 -26.03 36.36
CA PHE D 29 46.67 -25.46 36.89
C PHE D 29 46.78 -24.76 38.25
N ILE D 30 47.38 -25.44 39.21
CA ILE D 30 47.51 -24.93 40.57
C ILE D 30 48.28 -23.61 40.72
N ASP D 31 49.08 -23.24 39.73
CA ASP D 31 49.89 -22.02 39.80
C ASP D 31 49.32 -20.73 39.22
N TYR D 32 48.18 -20.80 38.54
CA TYR D 32 47.60 -19.60 37.93
C TYR D 32 46.15 -19.34 38.35
N ASN D 33 45.78 -18.08 38.43
CA ASN D 33 44.43 -17.70 38.85
C ASN D 33 43.35 -17.97 37.81
N ILE D 34 42.16 -18.30 38.29
CA ILE D 34 41.00 -18.55 37.45
C ILE D 34 40.00 -17.43 37.72
N HIS D 35 39.60 -16.72 36.65
CA HIS D 35 38.64 -15.63 36.75
C HIS D 35 37.31 -16.08 36.16
N TRP D 36 36.23 -15.41 36.58
CA TRP D 36 34.90 -15.71 36.06
C TRP D 36 34.28 -14.42 35.56
N VAL D 37 33.60 -14.52 34.43
CA VAL D 37 32.99 -13.37 33.78
C VAL D 37 31.56 -13.67 33.35
N LYS D 38 30.70 -12.66 33.45
CA LYS D 38 29.30 -12.79 33.07
C LYS D 38 29.02 -11.90 31.84
N GLN D 39 28.29 -12.45 30.88
CA GLN D 39 27.92 -11.66 29.72
C GLN D 39 26.41 -11.71 29.57
N SER D 40 25.78 -10.56 29.80
CA SER D 40 24.33 -10.45 29.69
C SER D 40 23.93 -9.85 28.35
N HIS D 41 22.79 -10.32 27.82
CA HIS D 41 22.23 -9.85 26.55
C HIS D 41 23.22 -9.89 25.38
N GLY D 42 24.18 -10.82 25.46
CA GLY D 42 25.18 -10.97 24.42
C GLY D 42 25.95 -9.68 24.15
N LYS D 43 26.10 -8.84 25.17
CA LYS D 43 26.81 -7.58 25.02
C LYS D 43 27.70 -7.23 26.21
N SER D 44 27.11 -6.71 27.27
CA SER D 44 27.84 -6.30 28.47
C SER D 44 28.66 -7.40 29.15
N LEU D 45 29.96 -7.15 29.34
CA LEU D 45 30.84 -8.10 30.03
C LEU D 45 31.11 -7.61 31.45
N GLU D 46 30.93 -8.48 32.44
CA GLU D 46 31.16 -8.12 33.83
C GLU D 46 32.08 -9.14 34.51
N TRP D 47 33.08 -8.63 35.22
CA TRP D 47 34.01 -9.50 35.93
C TRP D 47 33.38 -9.83 37.28
N ILE D 48 33.35 -11.11 37.61
CA ILE D 48 32.75 -11.60 38.87
C ILE D 48 33.77 -11.67 39.99
N GLY D 49 34.91 -12.28 39.70
CA GLY D 49 35.96 -12.41 40.69
C GLY D 49 36.95 -13.47 40.25
N TYR D 50 37.93 -13.74 41.10
CA TYR D 50 38.90 -14.77 40.80
C TYR D 50 39.28 -15.56 42.05
N ILE D 51 39.85 -16.73 41.82
CA ILE D 51 40.31 -17.60 42.89
C ILE D 51 41.75 -18.02 42.65
N VAL D 52 42.53 -18.08 43.74
CA VAL D 52 43.92 -18.51 43.71
C VAL D 52 43.79 -19.99 44.10
N PRO D 53 43.99 -20.91 43.14
CA PRO D 53 43.88 -22.34 43.36
C PRO D 53 44.63 -22.94 44.55
N TYR D 54 45.85 -22.50 44.79
CA TYR D 54 46.63 -23.06 45.89
C TYR D 54 46.09 -22.74 47.28
N SER D 55 45.78 -21.47 47.51
CA SER D 55 45.29 -21.01 48.80
C SER D 55 43.78 -21.04 48.97
N GLY D 56 43.06 -21.03 47.86
CA GLY D 56 41.60 -21.00 47.93
C GLY D 56 41.13 -19.57 48.15
N GLY D 57 42.08 -18.64 48.21
CA GLY D 57 41.74 -17.24 48.41
C GLY D 57 40.98 -16.67 47.24
N THR D 58 40.00 -15.82 47.52
CA THR D 58 39.21 -15.22 46.45
C THR D 58 39.09 -13.71 46.57
N THR D 59 38.89 -13.07 45.42
CA THR D 59 38.72 -11.63 45.36
C THR D 59 37.49 -11.44 44.47
N PHE D 60 36.49 -10.76 45.00
CA PHE D 60 35.24 -10.53 44.30
C PHE D 60 34.91 -9.10 43.95
N ASN D 61 33.99 -9.00 43.00
CA ASN D 61 33.41 -7.75 42.56
C ASN D 61 32.28 -7.72 43.60
N GLN D 62 32.18 -6.62 44.36
CA GLN D 62 31.18 -6.49 45.41
C GLN D 62 29.76 -6.85 44.97
N LYS D 63 29.43 -6.53 43.73
CA LYS D 63 28.12 -6.81 43.15
C LYS D 63 27.74 -8.30 43.23
N PHE D 64 28.73 -9.18 43.09
CA PHE D 64 28.50 -10.61 43.12
C PHE D 64 28.76 -11.32 44.44
N LYS D 65 29.14 -10.55 45.47
CA LYS D 65 29.40 -11.10 46.79
C LYS D 65 28.13 -11.76 47.30
N GLY D 66 28.20 -13.05 47.58
CA GLY D 66 27.03 -13.76 48.05
C GLY D 66 26.36 -14.56 46.95
N LYS D 67 26.25 -13.96 45.76
CA LYS D 67 25.63 -14.62 44.61
C LYS D 67 26.48 -15.77 44.06
N ALA D 68 27.79 -15.56 44.00
CA ALA D 68 28.70 -16.57 43.48
C ALA D 68 29.65 -17.08 44.54
N THR D 69 29.97 -18.37 44.44
CA THR D 69 30.89 -19.04 45.35
C THR D 69 31.92 -19.73 44.47
N LEU D 70 33.21 -19.45 44.68
CA LEU D 70 34.25 -20.06 43.86
C LEU D 70 35.07 -21.08 44.63
N THR D 71 35.32 -22.21 43.98
CA THR D 71 36.11 -23.29 44.55
C THR D 71 36.92 -23.95 43.44
N VAL D 72 37.79 -24.87 43.83
N VAL D 72 37.80 -24.85 43.83
CA VAL D 72 38.62 -25.59 42.89
CA VAL D 72 38.62 -25.60 42.87
C VAL D 72 38.88 -27.01 43.42
C VAL D 72 38.88 -27.00 43.41
N ASP D 73 39.10 -27.94 42.49
CA ASP D 73 39.42 -29.32 42.85
C ASP D 73 40.81 -29.49 42.24
N LYS D 74 41.82 -29.35 43.09
CA LYS D 74 43.23 -29.45 42.68
C LYS D 74 43.56 -30.76 41.96
N SER D 75 43.07 -31.86 42.51
CA SER D 75 43.31 -33.19 41.95
C SER D 75 42.88 -33.37 40.50
N SER D 76 41.75 -32.78 40.12
CA SER D 76 41.25 -32.90 38.75
C SER D 76 41.46 -31.68 37.88
N SER D 77 42.22 -30.70 38.38
CA SER D 77 42.49 -29.47 37.64
C SER D 77 41.19 -28.82 37.14
N THR D 78 40.21 -28.69 38.04
CA THR D 78 38.93 -28.09 37.68
C THR D 78 38.51 -27.01 38.66
N ALA D 79 38.02 -25.89 38.12
CA ALA D 79 37.54 -24.78 38.92
C ALA D 79 36.02 -24.78 38.83
N PHE D 80 35.35 -24.42 39.91
CA PHE D 80 33.88 -24.39 39.92
C PHE D 80 33.34 -23.05 40.37
N MET D 81 32.18 -22.69 39.80
CA MET D 81 31.50 -21.47 40.22
C MET D 81 30.07 -21.88 40.57
N HIS D 82 29.69 -21.64 41.83
CA HIS D 82 28.34 -21.94 42.28
C HIS D 82 27.55 -20.64 42.31
N LEU D 83 26.40 -20.61 41.64
CA LEU D 83 25.54 -19.44 41.63
C LEU D 83 24.37 -19.86 42.53
N ASN D 84 24.08 -19.06 43.54
N ASN D 84 24.06 -19.03 43.52
CA ASN D 84 22.99 -19.39 44.46
CA ASN D 84 23.02 -19.35 44.48
C ASN D 84 21.78 -18.48 44.38
C ASN D 84 21.78 -18.45 44.41
N SER D 85 20.66 -18.96 44.92
CA SER D 85 19.38 -18.22 44.96
C SER D 85 19.08 -17.55 43.63
N LEU D 86 19.07 -18.35 42.57
CA LEU D 86 18.88 -17.85 41.22
C LEU D 86 17.62 -17.05 40.92
N THR D 87 17.81 -15.97 40.17
CA THR D 87 16.70 -15.10 39.76
C THR D 87 16.80 -15.00 38.25
N PHE D 88 15.80 -14.40 37.62
CA PHE D 88 15.78 -14.24 36.16
C PHE D 88 16.97 -13.44 35.66
N GLU D 89 17.41 -12.48 36.47
CA GLU D 89 18.55 -11.62 36.13
C GLU D 89 19.87 -12.40 36.03
N ASP D 90 19.88 -13.63 36.55
CA ASP D 90 21.09 -14.45 36.51
C ASP D 90 21.26 -15.17 35.17
N SER D 91 20.22 -15.15 34.34
CA SER D 91 20.29 -15.79 33.03
C SER D 91 21.33 -15.04 32.21
N ALA D 92 22.32 -15.77 31.71
CA ALA D 92 23.39 -15.18 30.93
C ALA D 92 24.38 -16.25 30.52
N VAL D 93 25.46 -15.82 29.87
CA VAL D 93 26.53 -16.72 29.48
C VAL D 93 27.66 -16.40 30.47
N TYR D 94 28.21 -17.45 31.07
CA TYR D 94 29.31 -17.30 32.02
C TYR D 94 30.57 -17.92 31.47
N TYR D 95 31.69 -17.22 31.63
CA TYR D 95 32.98 -17.69 31.16
C TYR D 95 33.99 -17.75 32.28
N CYS D 96 34.89 -18.72 32.19
CA CYS D 96 36.01 -18.79 33.10
C CYS D 96 37.18 -18.39 32.21
N ALA D 97 38.25 -17.92 32.83
CA ALA D 97 39.43 -17.51 32.09
C ALA D 97 40.60 -17.56 33.05
N ASN D 98 41.81 -17.72 32.53
CA ASN D 98 42.97 -17.76 33.40
C ASN D 98 43.90 -16.61 33.07
N ASP D 99 44.98 -16.46 33.83
CA ASP D 99 45.91 -15.38 33.58
C ASP D 99 47.28 -15.92 33.17
N TYR D 100 47.26 -16.98 32.38
CA TYR D 100 48.49 -17.64 31.92
C TYR D 100 49.07 -17.06 30.63
N ASP D 101 50.27 -16.47 30.72
CA ASP D 101 50.97 -15.92 29.55
C ASP D 101 50.01 -15.09 28.69
N GLY D 102 49.18 -14.33 29.36
CA GLY D 102 48.15 -13.54 28.68
C GLY D 102 46.85 -14.02 29.32
N VAL D 103 45.88 -14.40 28.49
CA VAL D 103 44.58 -14.86 28.98
C VAL D 103 43.96 -15.88 28.04
N TYR D 104 43.55 -17.02 28.59
CA TYR D 104 42.87 -18.05 27.82
C TYR D 104 41.43 -18.06 28.33
N TRP D 105 40.46 -18.15 27.41
CA TRP D 105 39.05 -18.17 27.78
C TRP D 105 38.40 -19.54 27.59
N GLY D 106 37.43 -19.85 28.45
CA GLY D 106 36.67 -21.08 28.33
C GLY D 106 35.66 -20.81 27.21
N GLN D 107 34.94 -21.83 26.75
CA GLN D 107 33.99 -21.61 25.65
C GLN D 107 32.66 -20.99 26.08
N GLY D 108 32.47 -20.86 27.39
CA GLY D 108 31.25 -20.28 27.93
C GLY D 108 30.18 -21.32 28.25
N THR D 109 29.31 -20.97 29.19
CA THR D 109 28.21 -21.82 29.64
C THR D 109 26.96 -20.95 29.70
N THR D 110 25.93 -21.36 28.96
CA THR D 110 24.67 -20.61 28.96
C THR D 110 23.80 -21.08 30.12
N LEU D 111 23.33 -20.12 30.91
CA LEU D 111 22.46 -20.41 32.04
C LEU D 111 21.12 -19.73 31.79
N THR D 112 20.04 -20.50 31.88
CA THR D 112 18.69 -19.96 31.68
C THR D 112 17.89 -20.26 32.93
N VAL D 113 17.41 -19.21 33.59
CA VAL D 113 16.61 -19.33 34.79
C VAL D 113 15.16 -19.01 34.41
N SER D 114 14.26 -19.99 34.60
N SER D 114 14.25 -19.97 34.62
CA SER D 114 12.85 -19.80 34.27
CA SER D 114 12.84 -19.77 34.32
C SER D 114 11.99 -20.88 34.92
C SER D 114 11.99 -20.86 34.96
N SER D 115 10.69 -20.61 35.08
CA SER D 115 9.78 -21.57 35.68
C SER D 115 8.98 -22.29 34.59
N ALA D 116 9.21 -21.90 33.34
CA ALA D 116 8.51 -22.47 32.20
C ALA D 116 8.78 -23.95 31.99
N LYS D 117 7.78 -24.67 31.49
CA LYS D 117 7.94 -26.10 31.21
C LYS D 117 8.15 -26.30 29.72
N THR D 118 8.75 -27.43 29.36
CA THR D 118 9.01 -27.76 27.97
C THR D 118 7.71 -27.66 27.19
N THR D 119 7.73 -26.84 26.13
CA THR D 119 6.55 -26.60 25.31
C THR D 119 6.89 -26.62 23.81
N PRO D 120 6.20 -27.47 23.03
CA PRO D 120 6.46 -27.57 21.59
C PRO D 120 5.99 -26.29 20.89
N PRO D 121 6.63 -25.92 19.77
CA PRO D 121 6.21 -24.71 19.07
C PRO D 121 5.02 -24.92 18.15
N SER D 122 4.31 -23.83 17.88
CA SER D 122 3.20 -23.85 16.94
C SER D 122 3.87 -23.26 15.69
N VAL D 123 3.79 -23.97 14.57
CA VAL D 123 4.40 -23.51 13.34
C VAL D 123 3.36 -23.04 12.35
N TYR D 124 3.45 -21.77 11.95
CA TYR D 124 2.48 -21.21 11.01
C TYR D 124 3.11 -20.75 9.71
N PRO D 125 2.64 -21.29 8.57
CA PRO D 125 3.19 -20.88 7.28
C PRO D 125 2.67 -19.49 6.98
N LEU D 126 3.50 -18.65 6.38
CA LEU D 126 3.12 -17.29 6.04
C LEU D 126 3.19 -17.08 4.54
N ALA D 127 2.01 -17.05 3.91
CA ALA D 127 1.93 -16.85 2.48
C ALA D 127 1.39 -15.45 2.23
N PRO D 128 1.78 -14.84 1.11
CA PRO D 128 1.30 -13.49 0.78
C PRO D 128 -0.23 -13.48 0.73
N GLY D 129 -0.83 -12.45 1.30
CA GLY D 129 -2.29 -12.36 1.32
C GLY D 129 -2.91 -11.60 0.16
N SER D 130 -3.69 -10.58 0.50
CA SER D 130 -4.36 -9.74 -0.48
C SER D 130 -3.37 -8.77 -1.12
N ALA D 131 -2.85 -9.17 -2.27
CA ALA D 131 -1.88 -8.37 -3.03
C ALA D 131 -0.50 -8.24 -2.37
N ALA D 132 0.49 -8.82 -3.03
CA ALA D 132 1.87 -8.79 -2.54
C ALA D 132 2.84 -8.68 -3.73
N GLN D 133 2.38 -7.99 -4.78
CA GLN D 133 3.12 -7.75 -6.01
C GLN D 133 3.28 -8.91 -6.98
N THR D 134 2.68 -8.77 -8.16
CA THR D 134 2.76 -9.78 -9.20
C THR D 134 4.02 -9.43 -10.01
N ASN D 135 5.18 -9.75 -9.44
CA ASN D 135 6.46 -9.44 -10.08
C ASN D 135 7.67 -10.19 -9.51
N SER D 136 8.64 -10.41 -10.40
CA SER D 136 9.93 -11.06 -10.13
C SER D 136 10.09 -12.03 -8.96
N MET D 137 10.30 -11.49 -7.76
CA MET D 137 10.52 -12.29 -6.56
C MET D 137 9.33 -12.27 -5.60
N VAL D 138 9.24 -13.33 -4.80
CA VAL D 138 8.20 -13.45 -3.79
C VAL D 138 8.82 -13.91 -2.47
N THR D 139 8.42 -13.27 -1.39
CA THR D 139 8.94 -13.61 -0.07
C THR D 139 7.89 -14.41 0.70
N LEU D 140 8.32 -15.54 1.24
CA LEU D 140 7.46 -16.42 2.02
C LEU D 140 8.00 -16.44 3.44
N GLY D 141 7.16 -16.77 4.41
CA GLY D 141 7.61 -16.80 5.78
C GLY D 141 7.12 -17.99 6.58
N CYS D 142 7.74 -18.17 7.75
CA CYS D 142 7.40 -19.26 8.65
C CYS D 142 7.53 -18.69 10.07
N LEU D 143 6.44 -18.75 10.84
CA LEU D 143 6.43 -18.24 12.21
C LEU D 143 6.44 -19.40 13.22
N VAL D 144 7.44 -19.42 14.08
CA VAL D 144 7.60 -20.47 15.08
C VAL D 144 7.31 -19.81 16.42
N LYS D 145 6.11 -20.05 16.95
CA LYS D 145 5.67 -19.39 18.18
C LYS D 145 5.36 -20.21 19.41
N GLY D 146 5.72 -19.65 20.57
CA GLY D 146 5.45 -20.26 21.84
C GLY D 146 6.16 -21.54 22.23
N TYR D 147 7.48 -21.58 22.05
CA TYR D 147 8.23 -22.77 22.43
C TYR D 147 9.19 -22.53 23.59
N PHE D 148 9.64 -23.61 24.20
CA PHE D 148 10.57 -23.56 25.32
C PHE D 148 11.11 -24.96 25.57
N PRO D 149 12.44 -25.09 25.77
CA PRO D 149 13.43 -24.02 25.76
C PRO D 149 14.06 -23.91 24.38
N GLU D 150 15.10 -23.08 24.27
CA GLU D 150 15.84 -22.96 23.01
C GLU D 150 16.67 -24.24 22.92
N PRO D 151 17.11 -24.62 21.72
CA PRO D 151 16.88 -23.91 20.46
C PRO D 151 15.93 -24.69 19.56
N VAL D 152 15.63 -24.10 18.41
CA VAL D 152 14.83 -24.75 17.39
C VAL D 152 15.69 -24.64 16.15
N THR D 153 15.53 -25.57 15.21
CA THR D 153 16.28 -25.51 13.97
C THR D 153 15.24 -25.34 12.87
N VAL D 154 15.43 -24.31 12.04
CA VAL D 154 14.50 -24.05 10.95
C VAL D 154 15.23 -24.19 9.63
N THR D 155 14.67 -25.00 8.73
CA THR D 155 15.23 -25.19 7.40
C THR D 155 14.09 -25.03 6.39
N TRP D 156 14.46 -24.83 5.13
CA TRP D 156 13.50 -24.67 4.04
C TRP D 156 13.80 -25.77 3.02
N ASN D 157 12.77 -26.54 2.68
CA ASN D 157 12.88 -27.66 1.75
C ASN D 157 13.99 -28.62 2.20
N SER D 158 13.97 -28.95 3.49
CA SER D 158 14.94 -29.86 4.11
C SER D 158 16.39 -29.43 3.89
N GLY D 159 16.61 -28.12 3.75
CA GLY D 159 17.95 -27.62 3.54
C GLY D 159 18.30 -27.30 2.09
N SER D 160 17.46 -27.73 1.16
CA SER D 160 17.68 -27.49 -0.27
C SER D 160 17.72 -25.99 -0.57
N LEU D 161 16.78 -25.26 0.02
CA LEU D 161 16.70 -23.82 -0.15
C LEU D 161 17.56 -23.16 0.93
N SER D 162 18.75 -22.71 0.54
CA SER D 162 19.67 -22.06 1.47
C SER D 162 19.86 -20.59 1.15
N SER D 163 19.93 -20.26 -0.13
CA SER D 163 20.11 -18.88 -0.57
C SER D 163 18.82 -18.08 -0.42
N GLY D 164 18.96 -16.83 0.04
CA GLY D 164 17.80 -15.97 0.22
C GLY D 164 17.01 -16.21 1.49
N VAL D 165 17.61 -16.95 2.43
CA VAL D 165 16.95 -17.25 3.70
C VAL D 165 17.42 -16.34 4.84
N HIS D 166 16.48 -15.83 5.61
CA HIS D 166 16.80 -14.99 6.77
C HIS D 166 16.08 -15.57 7.98
N THR D 167 16.84 -16.12 8.92
CA THR D 167 16.23 -16.65 10.12
C THR D 167 16.62 -15.72 11.26
N PHE D 168 15.62 -15.13 11.89
CA PHE D 168 15.81 -14.17 12.96
C PHE D 168 15.93 -14.75 14.36
N PRO D 169 16.79 -14.16 15.20
CA PRO D 169 17.01 -14.60 16.58
C PRO D 169 15.67 -14.61 17.32
N ALA D 170 15.48 -15.59 18.20
CA ALA D 170 14.25 -15.69 18.95
C ALA D 170 14.12 -14.60 20.01
N VAL D 171 12.88 -14.22 20.28
N VAL D 171 12.88 -14.22 20.28
CA VAL D 171 12.58 -13.21 21.30
CA VAL D 171 12.58 -13.21 21.29
C VAL D 171 11.69 -13.84 22.35
C VAL D 171 11.68 -13.85 22.35
N LEU D 172 11.86 -13.41 23.60
CA LEU D 172 11.07 -13.93 24.69
C LEU D 172 9.77 -13.15 24.85
N GLN D 173 8.65 -13.86 24.86
CA GLN D 173 7.35 -13.23 25.03
C GLN D 173 6.45 -14.14 25.84
N SER D 174 6.00 -13.64 27.00
CA SER D 174 5.13 -14.40 27.89
C SER D 174 5.80 -15.68 28.37
N ASP D 175 7.09 -15.58 28.68
CA ASP D 175 7.91 -16.69 29.16
C ASP D 175 8.27 -17.76 28.12
N LEU D 176 7.78 -17.57 26.90
CA LEU D 176 8.07 -18.51 25.82
C LEU D 176 8.77 -17.78 24.67
N TYR D 177 9.44 -18.55 23.83
CA TYR D 177 10.17 -17.99 22.69
C TYR D 177 9.37 -17.97 21.40
N THR D 178 9.71 -17.02 20.54
CA THR D 178 9.09 -16.88 19.23
C THR D 178 10.17 -16.42 18.24
N LEU D 179 10.19 -17.06 17.07
CA LEU D 179 11.13 -16.68 16.03
C LEU D 179 10.46 -16.82 14.68
N SER D 180 11.01 -16.11 13.71
CA SER D 180 10.48 -16.15 12.35
C SER D 180 11.61 -16.35 11.35
N SER D 181 11.24 -16.77 10.16
CA SER D 181 12.19 -17.01 9.09
C SER D 181 11.51 -16.63 7.79
N SER D 182 12.27 -16.02 6.89
CA SER D 182 11.74 -15.63 5.60
C SER D 182 12.60 -16.25 4.52
N VAL D 183 12.00 -16.50 3.37
CA VAL D 183 12.73 -17.04 2.24
C VAL D 183 12.20 -16.32 1.02
N THR D 184 13.11 -15.88 0.17
CA THR D 184 12.74 -15.18 -1.06
C THR D 184 13.11 -16.06 -2.24
N VAL D 185 12.12 -16.32 -3.10
CA VAL D 185 12.32 -17.17 -4.27
C VAL D 185 11.71 -16.54 -5.52
N PRO D 186 12.18 -16.96 -6.71
CA PRO D 186 11.64 -16.43 -7.97
C PRO D 186 10.17 -16.85 -8.01
N SER D 187 9.28 -15.96 -8.42
CA SER D 187 7.86 -16.29 -8.48
C SER D 187 7.51 -17.33 -9.55
N SER D 188 8.53 -17.84 -10.23
CA SER D 188 8.36 -18.88 -11.24
C SER D 188 8.50 -20.22 -10.53
N THR D 189 9.00 -20.16 -9.30
CA THR D 189 9.22 -21.32 -8.44
C THR D 189 7.98 -21.60 -7.58
N TRP D 190 7.40 -20.55 -7.02
CA TRP D 190 6.22 -20.67 -6.18
C TRP D 190 5.10 -19.84 -6.81
N PRO D 191 3.85 -20.33 -6.76
CA PRO D 191 3.38 -21.58 -6.16
C PRO D 191 3.46 -22.83 -7.05
N SER D 192 4.16 -22.73 -8.18
CA SER D 192 4.28 -23.86 -9.09
C SER D 192 4.90 -25.07 -8.39
N GLU D 193 5.92 -24.82 -7.59
CA GLU D 193 6.60 -25.87 -6.84
C GLU D 193 6.33 -25.71 -5.36
N THR D 194 6.45 -26.80 -4.60
CA THR D 194 6.22 -26.75 -3.16
C THR D 194 7.38 -26.20 -2.36
N VAL D 195 7.07 -25.33 -1.42
CA VAL D 195 8.05 -24.73 -0.52
C VAL D 195 7.56 -25.09 0.87
N THR D 196 8.45 -25.70 1.66
CA THR D 196 8.09 -26.14 3.00
C THR D 196 9.09 -25.67 4.05
N CYS D 197 8.58 -25.21 5.19
CA CYS D 197 9.49 -24.84 6.28
C CYS D 197 9.47 -26.00 7.27
N ASN D 198 10.66 -26.47 7.60
CA ASN D 198 10.82 -27.60 8.51
C ASN D 198 11.33 -27.08 9.84
N VAL D 199 10.67 -27.48 10.92
CA VAL D 199 11.06 -27.04 12.26
C VAL D 199 11.30 -28.23 13.18
N ALA D 200 12.46 -28.25 13.81
CA ALA D 200 12.79 -29.30 14.75
C ALA D 200 13.04 -28.67 16.12
N HIS D 201 12.46 -29.26 17.15
CA HIS D 201 12.61 -28.79 18.52
C HIS D 201 12.97 -30.03 19.33
N PRO D 202 14.27 -30.32 19.48
CA PRO D 202 14.83 -31.47 20.21
C PRO D 202 14.28 -31.71 21.60
N ALA D 203 14.14 -30.65 22.39
CA ALA D 203 13.64 -30.75 23.77
C ALA D 203 12.27 -31.42 23.89
N SER D 204 11.40 -31.18 22.92
CA SER D 204 10.05 -31.77 22.93
C SER D 204 9.91 -32.90 21.92
N SER D 205 11.03 -33.33 21.32
CA SER D 205 11.05 -34.40 20.32
C SER D 205 10.10 -34.09 19.18
N THR D 206 10.00 -32.81 18.84
CA THR D 206 9.11 -32.31 17.79
C THR D 206 9.81 -32.12 16.45
N LYS D 207 9.11 -32.51 15.39
CA LYS D 207 9.58 -32.35 14.02
C LYS D 207 8.31 -32.04 13.24
N VAL D 208 8.23 -30.81 12.74
CA VAL D 208 7.05 -30.37 12.01
C VAL D 208 7.41 -29.81 10.65
N ASP D 209 6.53 -30.08 9.69
CA ASP D 209 6.67 -29.58 8.33
C ASP D 209 5.39 -28.79 8.05
N LYS D 210 5.55 -27.66 7.37
N LYS D 210 5.54 -27.66 7.38
CA LYS D 210 4.41 -26.81 7.02
CA LYS D 210 4.40 -26.82 7.02
C LYS D 210 4.63 -26.26 5.62
C LYS D 210 4.62 -26.25 5.62
N LYS D 211 3.82 -26.73 4.66
CA LYS D 211 3.92 -26.27 3.28
C LYS D 211 3.35 -24.86 3.23
N ILE D 212 3.93 -24.01 2.41
CA ILE D 212 3.42 -22.64 2.28
C ILE D 212 2.38 -22.68 1.15
N VAL D 213 1.12 -22.64 1.52
CA VAL D 213 0.03 -22.68 0.52
C VAL D 213 -0.60 -21.31 0.27
N PRO D 214 -0.80 -20.96 -1.02
CA PRO D 214 -1.40 -19.69 -1.47
C PRO D 214 -2.68 -19.27 -0.76
N ARG D 215 -2.91 -17.97 -0.73
CA ARG D 215 -4.07 -17.34 -0.10
C ARG D 215 -4.14 -17.57 1.41
C1 TPM E . 1.66 4.13 -10.13
C2 TPM E . 1.16 3.54 -8.98
C3 TPM E . -0.16 3.84 -8.57
C5 TPM E . -0.40 5.31 -10.43
C6 TPM E . 0.89 5.01 -10.86
C4 TPM E . -0.95 4.73 -9.29
C7 TPM E . -2.37 5.02 -8.88
N1 TPM E . 2.94 3.83 -10.55
N2 TPM E . -3.36 4.68 -9.90
C8 TPM E . -4.44 5.52 -10.08
N3 TPM E . -5.46 5.02 -10.84
C9 TPM E . -4.50 6.90 -9.50
C10 TPM E . -5.86 7.54 -9.81
C11 TPM E . -6.18 7.41 -11.25
C12 TPM E . -6.23 5.95 -11.69
C1 TPM F . 45.58 -8.83 36.52
C2 TPM F . 46.31 -9.78 35.81
C3 TPM F . 45.64 -10.68 34.96
C5 TPM F . 43.55 -9.67 35.55
C6 TPM F . 44.21 -8.78 36.40
C4 TPM F . 44.25 -10.62 34.82
C7 TPM F . 43.54 -11.53 33.85
N1 TPM F . 46.22 -7.93 37.34
N2 TPM F . 42.81 -10.84 32.79
C8 TPM F . 41.57 -11.29 32.43
N3 TPM F . 41.04 -10.79 31.27
C9 TPM F . 40.80 -12.30 33.25
C10 TPM F . 39.51 -12.69 32.54
C11 TPM F . 38.76 -11.47 32.12
C12 TPM F . 39.59 -10.60 31.16
S SO4 G . 33.02 -28.11 45.45
O1 SO4 G . 32.28 -27.15 44.63
O2 SO4 G . 32.62 -27.98 46.86
O3 SO4 G . 34.45 -27.84 45.34
O4 SO4 G . 32.74 -29.49 44.99
#